data_6H1S
#
_entry.id   6H1S
#
_cell.length_a   60.937
_cell.length_b   119.291
_cell.length_c   146.494
_cell.angle_alpha   90.00
_cell.angle_beta   90.00
_cell.angle_gamma   90.00
#
_symmetry.space_group_name_H-M   'P 21 21 21'
#
loop_
_entity.id
_entity.type
_entity.pdbx_description
1 polymer 'Bifunctional cytochrome P450/NADPH--P450 reductase'
2 non-polymer 2-(2,4-DIFLUOROPHENYL)-1,3-DI(1H-1,2,4-TRIAZOL-1-YL)PROPAN-2-OL
3 non-polymer 'PROTOPORPHYRIN IX CONTAINING FE'
4 non-polymer 'PHOSPHATE ION'
5 non-polymer 1,2-ETHANEDIOL
6 water water
#
_entity_poly.entity_id   1
_entity_poly.type   'polypeptide(L)'
_entity_poly.pdbx_seq_one_letter_code
;TIKEMPQPKTFGELKNLPLLNTDKPVQALMKIADELGEIFKFEAPGRVTRYLSSQRLIKEACDESRFDKNLSQALKFVRD
FFGDGLVTSWTHEKNWKKAHNILLPSFSQQAMKGYHAMMVDIAVQLVQKWERLNADEHIEVPEDMTRLTLDTIGLCGFNY
RFNSFYRDQPHPFITSMVRALDEAMNKLQRANPDDPAYDENKRQFQEDIKVMNDLVDKIIADRKASGEQSDDLLTHMLNG
KDPETGEPLDDENIRYQIITFLIAGHETTSGLLSFALYFLVKNPHVLQKAAEEAARVLVDPVPSYKQVKQLKYVGMVLNE
ALRLWPTAPAFSLYAKEDTVLGGEYPLEKGDELMVLIPQLHRDKTIWGDDVEEFRPERFENPSAIPQHAFKPFGNGQRAC
IGQQFALHEATLVLGMMLKHFDFEDHTNYELDIKETLTLKPEGFVVKAKSKKIPLGG
;
_entity_poly.pdbx_strand_id   A,B
#
loop_
_chem_comp.id
_chem_comp.type
_chem_comp.name
_chem_comp.formula
EDO non-polymer 1,2-ETHANEDIOL 'C2 H6 O2'
HEM non-polymer 'PROTOPORPHYRIN IX CONTAINING FE' 'C34 H32 Fe N4 O4'
PO4 non-polymer 'PHOSPHATE ION' 'O4 P -3'
TPF non-polymer 2-(2,4-DIFLUOROPHENYL)-1,3-DI(1H-1,2,4-TRIAZOL-1-YL)PROPAN-2-OL 'C13 H12 F2 N6 O'
#
# COMPACT_ATOMS: atom_id res chain seq x y z
N MET A 5 -5.70 18.20 -9.15
CA MET A 5 -5.24 17.60 -7.85
C MET A 5 -5.95 16.31 -7.47
N PRO A 6 -5.18 15.26 -7.22
CA PRO A 6 -5.85 14.01 -6.81
C PRO A 6 -6.65 14.16 -5.52
N GLN A 7 -7.63 13.29 -5.35
CA GLN A 7 -8.47 13.22 -4.12
C GLN A 7 -8.98 11.82 -3.80
N PRO A 8 -8.99 11.42 -2.54
CA PRO A 8 -9.46 10.07 -2.28
C PRO A 8 -11.00 10.06 -2.29
N LYS A 9 -11.56 8.89 -1.99
CA LYS A 9 -13.00 8.67 -2.10
C LYS A 9 -13.76 9.59 -1.11
N THR A 10 -14.81 10.23 -1.60
CA THR A 10 -15.70 11.02 -0.80
C THR A 10 -17.00 10.25 -0.49
N PHE A 11 -17.72 10.71 0.52
CA PHE A 11 -18.95 10.09 0.94
C PHE A 11 -20.02 11.20 1.15
N GLY A 12 -20.47 11.78 0.05
CA GLY A 12 -21.52 12.79 0.13
C GLY A 12 -21.14 13.99 0.97
N GLU A 13 -22.03 14.44 1.85
CA GLU A 13 -21.75 15.65 2.63
C GLU A 13 -20.62 15.44 3.66
N LEU A 14 -20.28 14.18 3.97
CA LEU A 14 -19.17 13.90 4.85
C LEU A 14 -17.79 14.05 4.17
N LYS A 15 -17.79 14.23 2.85
CA LYS A 15 -16.62 14.35 2.01
C LYS A 15 -15.60 13.20 2.33
N ASN A 16 -14.35 13.50 2.70
CA ASN A 16 -13.36 12.46 3.01
C ASN A 16 -13.32 11.93 4.43
N LEU A 17 -14.06 12.54 5.34
CA LEU A 17 -13.88 12.30 6.75
C LEU A 17 -13.99 10.85 7.24
N PRO A 18 -14.85 10.02 6.60
CA PRO A 18 -14.98 8.63 7.06
C PRO A 18 -13.67 7.87 6.86
N LEU A 19 -12.85 8.30 5.93
CA LEU A 19 -11.55 7.59 5.73
C LEU A 19 -10.69 7.58 6.98
N LEU A 20 -10.93 8.56 7.84
CA LEU A 20 -10.14 8.71 9.07
C LEU A 20 -10.86 8.09 10.25
N ASN A 21 -12.03 7.49 10.05
CA ASN A 21 -12.68 6.76 11.12
C ASN A 21 -12.15 5.32 11.14
N THR A 22 -10.95 5.18 11.72
CA THR A 22 -10.21 3.97 11.65
C THR A 22 -9.23 4.09 12.81
N ASP A 23 -8.71 2.98 13.28
CA ASP A 23 -7.76 2.97 14.40
C ASP A 23 -6.37 3.57 14.00
N LYS A 24 -6.10 3.54 12.71
CA LYS A 24 -4.80 3.88 12.16
C LYS A 24 -4.92 4.91 11.02
N PRO A 25 -5.29 6.14 11.32
CA PRO A 25 -5.47 7.09 10.27
C PRO A 25 -4.23 7.59 9.52
N VAL A 26 -3.10 7.71 10.22
CA VAL A 26 -1.87 8.13 9.49
C VAL A 26 -1.45 7.05 8.50
N GLN A 27 -1.56 5.79 8.90
CA GLN A 27 -1.23 4.68 8.00
C GLN A 27 -2.17 4.66 6.82
N ALA A 28 -3.41 5.04 7.03
CA ALA A 28 -4.36 5.14 5.93
C ALA A 28 -4.01 6.23 4.99
N LEU A 29 -3.67 7.40 5.53
CA LEU A 29 -3.17 8.47 4.71
C LEU A 29 -1.90 8.14 3.92
N MET A 30 -1.00 7.38 4.52
CA MET A 30 0.23 6.96 3.77
C MET A 30 -0.16 6.12 2.55
N LYS A 31 -1.09 5.19 2.77
CA LYS A 31 -1.58 4.36 1.62
C LYS A 31 -2.23 5.21 0.57
N ILE A 32 -3.00 6.22 0.97
CA ILE A 32 -3.59 7.15 -0.01
C ILE A 32 -2.52 7.91 -0.77
N ALA A 33 -1.51 8.41 -0.05
CA ALA A 33 -0.35 9.01 -0.73
C ALA A 33 0.35 8.02 -1.69
N ASP A 34 0.47 6.77 -1.28
CA ASP A 34 1.07 5.76 -2.18
C ASP A 34 0.30 5.67 -3.47
N GLU A 35 -1.04 5.79 -3.38
CA GLU A 35 -1.91 5.67 -4.55
C GLU A 35 -1.91 6.91 -5.38
N LEU A 36 -1.97 8.09 -4.75
CA LEU A 36 -2.20 9.35 -5.47
C LEU A 36 -0.97 10.25 -5.69
N GLY A 37 0.14 9.97 -5.00
CA GLY A 37 1.33 10.74 -5.23
C GLY A 37 1.62 11.91 -4.27
N GLU A 38 2.33 12.92 -4.79
CA GLU A 38 3.03 13.90 -3.95
C GLU A 38 2.13 14.91 -3.26
N ILE A 39 0.92 15.10 -3.78
CA ILE A 39 -0.06 16.00 -3.16
C ILE A 39 -1.52 15.46 -3.40
N PHE A 40 -2.37 15.51 -2.38
CA PHE A 40 -3.78 15.24 -2.55
C PHE A 40 -4.62 16.13 -1.66
N LYS A 41 -5.85 16.39 -2.11
CA LYS A 41 -6.79 17.19 -1.39
C LYS A 41 -7.58 16.32 -0.49
N PHE A 42 -7.79 16.81 0.73
CA PHE A 42 -8.56 16.08 1.70
C PHE A 42 -9.58 17.04 2.30
N GLU A 43 -10.87 16.70 2.16
CA GLU A 43 -11.96 17.60 2.61
C GLU A 43 -12.77 16.97 3.67
N ALA A 44 -13.10 17.77 4.67
CA ALA A 44 -14.05 17.35 5.67
C ALA A 44 -15.10 18.47 5.70
N PRO A 45 -16.22 18.25 6.41
CA PRO A 45 -17.24 19.33 6.41
C PRO A 45 -16.60 20.49 7.13
N GLY A 46 -16.56 21.66 6.52
CA GLY A 46 -15.94 22.77 7.24
C GLY A 46 -14.45 22.99 6.98
N ARG A 47 -13.75 22.05 6.32
CA ARG A 47 -12.34 22.31 6.08
C ARG A 47 -11.68 21.47 5.00
N VAL A 48 -10.64 22.06 4.44
CA VAL A 48 -9.83 21.49 3.33
C VAL A 48 -8.38 21.57 3.78
N THR A 49 -7.69 20.47 3.55
CA THR A 49 -6.30 20.35 3.75
C THR A 49 -5.68 19.73 2.51
N ARG A 50 -4.44 20.14 2.21
CA ARG A 50 -3.68 19.42 1.19
C ARG A 50 -2.47 18.70 1.81
N TYR A 51 -2.43 17.40 1.62
CA TYR A 51 -1.44 16.56 2.15
C TYR A 51 -0.24 16.48 1.18
N LEU A 52 0.92 16.87 1.65
CA LEU A 52 2.20 16.81 0.87
C LEU A 52 3.14 15.68 1.27
N SER A 53 3.76 15.03 0.28
CA SER A 53 4.56 13.85 0.51
C SER A 53 5.95 13.85 -0.18
N SER A 54 6.23 14.82 -1.01
CA SER A 54 7.49 14.88 -1.72
C SER A 54 8.35 15.96 -1.16
N GLN A 55 9.65 15.71 -1.17
CA GLN A 55 10.64 16.70 -0.75
C GLN A 55 10.59 17.96 -1.58
N ARG A 56 10.31 17.84 -2.90
CA ARG A 56 10.32 19.07 -3.72
C ARG A 56 9.17 20.01 -3.30
N LEU A 57 8.05 19.43 -2.91
CA LEU A 57 6.94 20.33 -2.47
C LEU A 57 7.15 20.76 -0.98
N ILE A 58 7.66 19.82 -0.16
CA ILE A 58 7.80 20.11 1.28
C ILE A 58 8.87 21.19 1.49
N LYS A 59 9.92 21.16 0.67
CA LYS A 59 10.96 22.19 0.71
C LYS A 59 10.42 23.60 0.53
N GLU A 60 9.46 23.75 -0.38
CA GLU A 60 8.84 25.05 -0.57
C GLU A 60 7.94 25.36 0.61
N ALA A 61 7.18 24.37 1.05
CA ALA A 61 6.29 24.61 2.20
C ALA A 61 7.05 25.08 3.49
N CYS A 62 8.33 24.70 3.60
CA CYS A 62 9.18 25.05 4.74
C CYS A 62 9.83 26.38 4.59
N ASP A 63 9.48 27.12 3.54
CA ASP A 63 9.90 28.52 3.45
C ASP A 63 9.04 29.41 4.34
N GLU A 64 9.63 29.91 5.44
CA GLU A 64 8.85 30.68 6.40
C GLU A 64 8.39 32.04 5.91
N SER A 65 8.98 32.54 4.82
CA SER A 65 8.50 33.82 4.21
C SER A 65 7.14 33.59 3.54
N ARG A 66 6.81 32.35 3.19
CA ARG A 66 5.55 32.03 2.49
C ARG A 66 4.47 31.26 3.26
N PHE A 67 4.92 30.44 4.21
CA PHE A 67 4.07 29.57 5.01
C PHE A 67 4.46 29.61 6.50
N ASP A 68 3.48 29.64 7.36
CA ASP A 68 3.71 29.61 8.82
C ASP A 68 2.99 28.40 9.38
N LYS A 69 3.33 28.05 10.61
CA LYS A 69 2.66 27.02 11.31
C LYS A 69 1.19 27.28 11.43
N ASN A 70 0.40 26.22 11.17
CA ASN A 70 -1.00 26.24 11.34
C ASN A 70 -1.33 25.40 12.54
N LEU A 71 -2.34 25.82 13.29
CA LEU A 71 -2.94 24.92 14.29
C LEU A 71 -3.97 24.10 13.54
N SER A 72 -3.66 22.81 13.43
CA SER A 72 -4.60 21.86 12.85
C SER A 72 -5.75 21.58 13.79
N GLN A 73 -6.75 20.84 13.29
CA GLN A 73 -7.89 20.52 14.16
C GLN A 73 -7.50 19.90 15.43
N ALA A 74 -6.53 18.99 15.42
CA ALA A 74 -6.12 18.32 16.65
C ALA A 74 -5.48 19.30 17.61
N LEU A 75 -4.66 20.18 17.10
CA LEU A 75 -3.98 21.16 17.97
C LEU A 75 -5.02 22.11 18.63
N LYS A 76 -6.00 22.51 17.83
CA LYS A 76 -7.10 23.36 18.36
C LYS A 76 -7.91 22.64 19.41
N PHE A 77 -8.19 21.35 19.23
CA PHE A 77 -8.96 20.60 20.25
C PHE A 77 -8.17 20.47 21.55
N VAL A 78 -6.93 20.05 21.46
CA VAL A 78 -6.16 19.86 22.69
C VAL A 78 -5.80 21.15 23.45
N ARG A 79 -5.98 22.28 22.78
CA ARG A 79 -5.78 23.55 23.39
C ARG A 79 -6.70 23.73 24.57
N ASP A 80 -7.77 22.93 24.64
CA ASP A 80 -8.59 22.90 25.85
C ASP A 80 -7.78 22.59 27.11
N PHE A 81 -6.70 21.84 27.00
CA PHE A 81 -5.82 21.70 28.15
C PHE A 81 -4.38 22.09 27.98
N PHE A 82 -3.88 22.18 26.77
CA PHE A 82 -2.57 22.75 26.49
C PHE A 82 -2.59 24.29 26.51
N GLY A 83 -3.78 24.87 26.36
CA GLY A 83 -3.94 26.35 26.26
C GLY A 83 -3.06 27.03 25.22
N ASP A 84 -2.39 28.12 25.61
CA ASP A 84 -1.53 28.86 24.76
C ASP A 84 -0.05 28.60 25.09
N GLY A 85 0.17 27.34 25.49
CA GLY A 85 1.49 26.73 25.54
C GLY A 85 2.21 26.77 24.21
N LEU A 86 3.49 26.38 24.23
CA LEU A 86 4.28 26.53 23.03
C LEU A 86 3.79 25.76 21.80
N VAL A 87 3.32 24.53 21.98
CA VAL A 87 2.87 23.64 20.88
C VAL A 87 1.58 24.14 20.25
N THR A 88 0.78 24.84 21.04
CA THR A 88 -0.63 25.13 20.64
C THR A 88 -0.99 26.59 20.43
N SER A 89 0.01 27.42 20.32
CA SER A 89 -0.21 28.84 20.11
C SER A 89 0.25 29.24 18.72
N TRP A 90 -0.43 30.24 18.17
CA TRP A 90 -0.03 30.77 16.90
C TRP A 90 1.25 31.54 17.02
N THR A 91 2.02 31.56 15.95
CA THR A 91 3.31 32.22 15.92
C THR A 91 3.13 33.70 16.27
N HIS A 92 2.01 34.29 15.88
CA HIS A 92 1.74 35.74 16.22
C HIS A 92 0.90 36.02 17.48
N GLU A 93 0.53 34.98 18.24
CA GLU A 93 -0.01 35.16 19.60
C GLU A 93 1.14 35.57 20.48
N LYS A 94 1.00 36.66 21.23
CA LYS A 94 2.13 37.22 22.02
C LYS A 94 2.85 36.17 22.90
N ASN A 95 2.08 35.30 23.51
CA ASN A 95 2.66 34.35 24.41
C ASN A 95 3.46 33.30 23.71
N TRP A 96 3.39 33.18 22.39
CA TRP A 96 4.33 32.18 21.69
C TRP A 96 5.78 32.68 21.83
N LYS A 97 6.02 33.86 21.32
CA LYS A 97 7.34 34.39 21.21
C LYS A 97 7.92 34.65 22.61
N LYS A 98 7.07 35.11 23.52
CA LYS A 98 7.47 35.42 24.89
C LYS A 98 7.95 34.13 25.59
N ALA A 99 7.15 33.07 25.50
CA ALA A 99 7.59 31.81 26.08
C ALA A 99 8.76 31.21 25.39
N HIS A 100 8.81 31.33 24.08
CA HIS A 100 9.89 30.82 23.34
C HIS A 100 11.21 31.43 23.81
N ASN A 101 11.21 32.74 23.98
CA ASN A 101 12.43 33.46 24.42
C ASN A 101 12.85 33.06 25.84
N ILE A 102 11.91 32.95 26.76
CA ILE A 102 12.14 32.60 28.17
C ILE A 102 12.63 31.16 28.31
N LEU A 103 12.15 30.25 27.49
CA LEU A 103 12.46 28.81 27.68
C LEU A 103 13.61 28.25 26.85
N LEU A 104 13.93 28.89 25.74
CA LEU A 104 14.97 28.42 24.87
C LEU A 104 16.30 28.11 25.59
N PRO A 105 16.75 28.99 26.52
CA PRO A 105 17.95 28.71 27.33
C PRO A 105 17.94 27.35 28.13
N SER A 106 16.76 26.85 28.43
CA SER A 106 16.60 25.58 29.11
C SER A 106 16.94 24.40 28.24
N PHE A 107 17.23 24.63 26.95
CA PHE A 107 17.61 23.57 25.99
C PHE A 107 18.93 23.80 25.31
N SER A 108 19.75 24.67 25.89
CA SER A 108 21.15 24.80 25.44
C SER A 108 22.02 23.60 25.90
N GLN A 109 23.27 23.57 25.43
CA GLN A 109 24.24 22.52 25.78
C GLN A 109 24.50 22.54 27.24
N GLN A 110 24.73 23.73 27.75
CA GLN A 110 24.90 23.92 29.12
C GLN A 110 23.74 23.31 29.92
N ALA A 111 22.51 23.57 29.51
CA ALA A 111 21.34 23.03 30.21
C ALA A 111 21.32 21.50 30.11
N MET A 112 21.65 20.99 28.94
CA MET A 112 21.70 19.55 28.74
C MET A 112 22.72 18.88 29.65
N LYS A 113 23.87 19.50 29.80
CA LYS A 113 24.89 18.98 30.70
C LYS A 113 24.35 18.93 32.11
N GLY A 114 23.57 19.92 32.49
CA GLY A 114 22.90 19.97 33.80
C GLY A 114 21.79 18.87 33.98
N TYR A 115 21.16 18.40 32.91
CA TYR A 115 20.10 17.40 33.00
C TYR A 115 20.66 16.02 33.04
N HIS A 116 21.87 15.84 32.50
CA HIS A 116 22.44 14.52 32.30
C HIS A 116 22.33 13.61 33.53
N ALA A 117 22.71 14.13 34.71
CA ALA A 117 22.80 13.28 35.90
C ALA A 117 21.44 12.69 36.22
N MET A 118 20.41 13.50 36.05
N MET A 118 20.40 13.50 36.07
CA MET A 118 19.05 13.06 36.34
CA MET A 118 19.06 13.06 36.36
C MET A 118 18.54 12.16 35.26
C MET A 118 18.54 12.14 35.27
N MET A 119 18.96 12.36 34.02
CA MET A 119 18.68 11.33 32.99
C MET A 119 19.30 9.97 33.36
N VAL A 120 20.51 9.99 33.87
CA VAL A 120 21.17 8.77 34.30
C VAL A 120 20.41 8.03 35.43
N ASP A 121 19.93 8.81 36.41
CA ASP A 121 19.09 8.31 37.55
C ASP A 121 17.92 7.42 36.99
N ILE A 122 17.20 7.92 36.00
CA ILE A 122 16.06 7.17 35.50
C ILE A 122 16.56 5.99 34.64
N ALA A 123 17.60 6.22 33.84
CA ALA A 123 18.16 5.13 33.01
C ALA A 123 18.60 3.95 33.87
N VAL A 124 19.26 4.24 34.98
CA VAL A 124 19.72 3.19 35.92
C VAL A 124 18.52 2.43 36.49
N GLN A 125 17.38 3.12 36.75
CA GLN A 125 16.20 2.43 37.21
C GLN A 125 15.68 1.44 36.18
N LEU A 126 15.71 1.81 34.90
CA LEU A 126 15.32 0.91 33.83
C LEU A 126 16.22 -0.31 33.78
N VAL A 127 17.52 -0.07 33.78
CA VAL A 127 18.47 -1.21 33.70
C VAL A 127 18.32 -2.17 34.92
N GLN A 128 18.22 -1.59 36.11
CA GLN A 128 17.92 -2.39 37.31
C GLN A 128 16.65 -3.19 37.23
N LYS A 129 15.56 -2.59 36.76
CA LYS A 129 14.36 -3.35 36.57
C LYS A 129 14.64 -4.62 35.75
N TRP A 130 15.33 -4.45 34.63
CA TRP A 130 15.54 -5.60 33.70
C TRP A 130 16.55 -6.62 34.25
N GLU A 131 17.54 -6.18 35.00
CA GLU A 131 18.48 -7.07 35.71
C GLU A 131 17.73 -7.92 36.69
N ARG A 132 16.58 -7.45 37.21
CA ARG A 132 15.94 -8.11 38.33
C ARG A 132 14.83 -9.07 37.86
N LEU A 133 14.60 -9.17 36.55
CA LEU A 133 13.55 -10.08 36.03
C LEU A 133 13.99 -11.52 36.23
N ASN A 134 13.03 -12.41 36.43
CA ASN A 134 13.33 -13.83 36.67
C ASN A 134 13.43 -14.53 35.30
N ALA A 135 13.91 -15.76 35.32
CA ALA A 135 14.06 -16.55 34.10
C ALA A 135 12.79 -16.64 33.35
N ASP A 136 12.96 -16.41 32.07
CA ASP A 136 11.87 -16.55 31.13
C ASP A 136 10.79 -15.52 31.27
N GLU A 137 10.95 -14.51 32.14
CA GLU A 137 10.08 -13.34 32.09
C GLU A 137 10.53 -12.54 30.88
N HIS A 138 9.68 -11.60 30.46
CA HIS A 138 9.93 -10.80 29.29
C HIS A 138 9.65 -9.37 29.65
N ILE A 139 10.07 -8.51 28.78
CA ILE A 139 9.91 -7.07 28.82
C ILE A 139 8.83 -6.61 27.87
N GLU A 140 7.98 -5.71 28.36
CA GLU A 140 7.00 -5.02 27.57
C GLU A 140 7.64 -3.69 27.18
N VAL A 141 7.99 -3.55 25.91
CA VAL A 141 8.93 -2.49 25.52
C VAL A 141 8.29 -1.07 25.58
N PRO A 142 7.20 -0.82 24.85
CA PRO A 142 6.69 0.57 24.89
C PRO A 142 6.28 1.01 26.28
N GLU A 143 5.82 0.04 27.09
CA GLU A 143 5.41 0.28 28.45
C GLU A 143 6.55 0.76 29.30
N ASP A 144 7.67 0.06 29.21
CA ASP A 144 8.86 0.44 29.94
C ASP A 144 9.50 1.72 29.42
N MET A 145 9.51 1.96 28.12
CA MET A 145 10.05 3.21 27.56
C MET A 145 9.22 4.44 27.97
N THR A 146 7.89 4.28 28.06
CA THR A 146 7.01 5.32 28.61
C THR A 146 7.21 5.62 30.07
N ARG A 147 7.45 4.60 30.88
CA ARG A 147 7.88 4.80 32.23
C ARG A 147 9.14 5.66 32.35
N LEU A 148 10.13 5.27 31.55
CA LEU A 148 11.39 5.96 31.57
C LEU A 148 11.26 7.44 31.07
N THR A 149 10.63 7.63 29.93
CA THR A 149 10.57 9.00 29.35
C THR A 149 9.75 9.98 30.19
N LEU A 150 8.64 9.49 30.72
CA LEU A 150 7.82 10.34 31.67
C LEU A 150 8.62 10.74 32.90
N ASP A 151 9.31 9.79 33.52
CA ASP A 151 10.07 10.07 34.68
C ASP A 151 11.20 11.03 34.38
N THR A 152 11.80 10.86 33.21
CA THR A 152 12.89 11.70 32.78
C THR A 152 12.48 13.19 32.65
N ILE A 153 11.37 13.46 32.01
CA ILE A 153 10.93 14.88 31.85
C ILE A 153 10.49 15.42 33.22
N GLY A 154 9.80 14.56 33.99
CA GLY A 154 9.37 14.98 35.35
C GLY A 154 10.54 15.46 36.19
N LEU A 155 11.56 14.63 36.23
CA LEU A 155 12.69 14.88 37.12
C LEU A 155 13.64 15.96 36.59
N CYS A 156 14.05 15.82 35.30
CA CYS A 156 14.88 16.84 34.69
C CYS A 156 14.22 18.23 34.63
N GLY A 157 12.94 18.31 34.30
CA GLY A 157 12.33 19.55 34.04
C GLY A 157 11.78 20.19 35.31
N PHE A 158 11.30 19.36 36.25
CA PHE A 158 10.39 19.82 37.33
C PHE A 158 10.83 19.40 38.73
N ASN A 159 11.91 18.65 38.80
CA ASN A 159 12.34 17.95 39.97
C ASN A 159 11.25 17.15 40.67
N TYR A 160 10.38 16.51 39.88
CA TYR A 160 9.24 15.82 40.39
C TYR A 160 9.36 14.35 39.96
N ARG A 161 9.14 13.45 40.90
CA ARG A 161 9.32 12.03 40.60
C ARG A 161 7.98 11.38 40.40
N PHE A 162 7.75 10.92 39.20
CA PHE A 162 6.55 10.19 38.93
C PHE A 162 6.62 8.76 39.52
N ASN A 163 7.81 8.27 39.70
CA ASN A 163 8.03 6.95 40.24
C ASN A 163 7.30 5.87 39.46
N SER A 164 7.42 5.97 38.13
CA SER A 164 6.78 4.98 37.23
C SER A 164 7.25 3.52 37.38
N PHE A 165 8.51 3.33 37.77
CA PHE A 165 9.07 1.99 37.98
C PHE A 165 8.60 1.33 39.28
N TYR A 166 7.82 2.06 40.10
CA TYR A 166 7.20 1.53 41.31
C TYR A 166 5.73 1.15 41.06
N ARG A 167 5.27 1.24 39.82
CA ARG A 167 3.93 0.91 39.48
C ARG A 167 3.94 -0.10 38.40
N ASP A 168 2.91 -0.96 38.43
CA ASP A 168 2.74 -2.03 37.53
C ASP A 168 1.77 -1.64 36.44
N GLN A 169 1.14 -0.48 36.59
CA GLN A 169 0.38 0.11 35.56
C GLN A 169 0.71 1.61 35.42
N PRO A 170 0.16 2.29 34.38
CA PRO A 170 0.59 3.67 34.15
C PRO A 170 0.33 4.63 35.31
N HIS A 171 1.18 5.64 35.49
CA HIS A 171 0.88 6.72 36.41
C HIS A 171 -0.51 7.30 36.03
N PRO A 172 -1.32 7.67 37.00
CA PRO A 172 -2.65 8.15 36.67
C PRO A 172 -2.68 9.35 35.71
N PHE A 173 -1.63 10.16 35.73
CA PHE A 173 -1.48 11.26 34.79
C PHE A 173 -1.49 10.73 33.36
N ILE A 174 -0.79 9.62 33.12
CA ILE A 174 -0.75 9.00 31.82
C ILE A 174 -2.15 8.48 31.43
N THR A 175 -2.79 7.76 32.33
CA THR A 175 -4.11 7.19 32.08
C THR A 175 -5.13 8.30 31.71
N SER A 176 -5.18 9.37 32.47
CA SER A 176 -6.00 10.54 32.04
C SER A 176 -5.54 11.25 30.76
N MET A 177 -4.22 11.42 30.62
CA MET A 177 -3.67 12.05 29.42
C MET A 177 -4.11 11.29 28.15
N VAL A 178 -3.98 9.96 28.18
CA VAL A 178 -4.35 9.13 27.01
C VAL A 178 -5.83 9.25 26.68
N ARG A 179 -6.68 9.21 27.68
CA ARG A 179 -8.15 9.40 27.44
C ARG A 179 -8.51 10.81 26.97
N ALA A 180 -7.88 11.81 27.58
CA ALA A 180 -8.05 13.21 27.12
C ALA A 180 -7.58 13.39 25.65
N LEU A 181 -6.40 12.87 25.30
CA LEU A 181 -5.93 12.96 23.89
C LEU A 181 -6.73 12.08 22.91
N ASP A 182 -7.17 10.93 23.38
CA ASP A 182 -8.09 10.12 22.56
C ASP A 182 -9.44 10.81 22.35
N GLU A 183 -9.99 11.43 23.38
CA GLU A 183 -11.21 12.24 23.20
C GLU A 183 -11.06 13.26 22.06
N ALA A 184 -9.94 13.94 22.03
CA ALA A 184 -9.68 14.93 20.99
C ALA A 184 -9.57 14.26 19.62
N MET A 185 -8.95 13.09 19.56
CA MET A 185 -8.81 12.38 18.30
C MET A 185 -10.18 11.92 17.75
N ASN A 186 -11.10 11.56 18.65
CA ASN A 186 -12.54 11.48 18.33
C ASN A 186 -13.06 12.89 17.97
N LYS A 187 -12.62 13.33 16.80
CA LYS A 187 -12.93 14.63 16.25
C LYS A 187 -14.18 14.56 15.40
N LEU A 188 -14.52 13.38 14.88
CA LEU A 188 -15.63 13.21 13.94
C LEU A 188 -16.86 12.72 14.69
N GLN A 189 -17.05 13.20 15.93
CA GLN A 189 -18.07 12.64 16.83
C GLN A 189 -19.50 12.95 16.31
N ARG A 190 -20.04 12.04 15.49
CA ARG A 190 -21.28 12.25 14.71
C ARG A 190 -21.33 13.65 14.06
N ALA A 191 -20.17 14.29 13.88
CA ALA A 191 -20.11 15.74 13.61
C ALA A 191 -21.29 16.45 14.30
N ASN A 192 -21.68 15.91 15.48
CA ASN A 192 -22.70 16.48 16.35
C ASN A 192 -22.15 16.42 17.78
N PRO A 193 -21.06 17.19 18.10
CA PRO A 193 -20.50 17.19 19.45
C PRO A 193 -21.54 17.45 20.57
N ASP A 194 -22.68 18.05 20.23
CA ASP A 194 -23.73 18.33 21.21
C ASP A 194 -24.86 17.28 21.29
N ASP A 195 -24.50 16.03 21.05
CA ASP A 195 -25.45 14.94 20.88
C ASP A 195 -26.05 14.52 22.23
N PRO A 196 -26.73 13.35 22.31
CA PRO A 196 -27.22 12.98 23.65
C PRO A 196 -26.14 12.45 24.57
N ALA A 197 -25.55 11.32 24.22
CA ALA A 197 -24.80 10.54 25.20
C ALA A 197 -23.28 10.85 25.18
N TYR A 198 -22.91 12.02 24.65
CA TYR A 198 -21.57 12.63 24.88
C TYR A 198 -21.42 13.39 26.19
N ASP A 199 -22.51 13.71 26.88
CA ASP A 199 -22.39 14.32 28.21
C ASP A 199 -21.47 13.45 29.06
N GLU A 200 -21.55 12.14 28.82
CA GLU A 200 -20.63 11.19 29.41
C GLU A 200 -19.16 11.47 29.06
N ASN A 201 -18.88 11.57 27.78
CA ASN A 201 -17.52 11.81 27.31
C ASN A 201 -17.04 13.20 27.74
N LYS A 202 -17.96 14.16 27.79
CA LYS A 202 -17.61 15.53 28.10
C LYS A 202 -17.23 15.60 29.60
N ARG A 203 -17.95 14.84 30.42
CA ARG A 203 -17.74 14.79 31.88
C ARG A 203 -16.37 14.16 32.15
N GLN A 204 -16.16 12.98 31.57
CA GLN A 204 -14.96 12.23 31.67
C GLN A 204 -13.77 13.14 31.26
N PHE A 205 -13.95 13.88 30.18
CA PHE A 205 -12.92 14.77 29.66
C PHE A 205 -12.47 15.81 30.69
N GLN A 206 -13.43 16.52 31.29
CA GLN A 206 -13.16 17.44 32.42
C GLN A 206 -12.47 16.77 33.62
N GLU A 207 -12.92 15.57 33.99
CA GLU A 207 -12.27 14.79 35.04
C GLU A 207 -10.81 14.46 34.72
N ASP A 208 -10.57 14.11 33.46
CA ASP A 208 -9.20 13.80 32.99
C ASP A 208 -8.31 15.06 33.01
N ILE A 209 -8.85 16.17 32.56
CA ILE A 209 -8.18 17.44 32.63
C ILE A 209 -7.88 17.81 34.09
N LYS A 210 -8.85 17.57 34.99
CA LYS A 210 -8.67 17.86 36.38
C LYS A 210 -7.59 16.98 37.00
N VAL A 211 -7.51 15.70 36.65
CA VAL A 211 -6.44 14.87 37.17
C VAL A 211 -5.08 15.49 36.75
N MET A 212 -4.98 15.96 35.50
CA MET A 212 -3.69 16.50 35.01
C MET A 212 -3.35 17.77 35.74
N ASN A 213 -4.33 18.62 35.96
CA ASN A 213 -4.10 19.89 36.66
C ASN A 213 -3.83 19.81 38.14
N ASP A 214 -4.39 18.79 38.77
CA ASP A 214 -4.06 18.46 40.17
C ASP A 214 -2.60 18.01 40.31
N LEU A 215 -2.09 17.34 39.27
CA LEU A 215 -0.65 16.96 39.28
C LEU A 215 0.21 18.20 39.09
N VAL A 216 -0.19 19.07 38.18
CA VAL A 216 0.48 20.36 38.01
C VAL A 216 0.52 21.12 39.35
N ASP A 217 -0.62 21.16 40.03
CA ASP A 217 -0.66 21.75 41.39
C ASP A 217 0.40 21.19 42.32
N LYS A 218 0.53 19.86 42.39
CA LYS A 218 1.57 19.24 43.22
C LYS A 218 2.97 19.62 42.80
N ILE A 219 3.21 19.72 41.48
CA ILE A 219 4.54 20.12 41.01
C ILE A 219 4.87 21.53 41.53
N ILE A 220 3.92 22.44 41.40
CA ILE A 220 4.14 23.83 41.83
C ILE A 220 4.26 23.94 43.36
N ALA A 221 3.38 23.24 44.10
CA ALA A 221 3.48 23.19 45.58
C ALA A 221 4.80 22.62 46.02
N ASP A 222 5.23 21.50 45.44
CA ASP A 222 6.49 20.90 45.84
C ASP A 222 7.66 21.81 45.55
N ARG A 223 7.61 22.53 44.42
CA ARG A 223 8.67 23.48 44.15
C ARG A 223 8.68 24.55 45.25
N LYS A 224 7.52 25.08 45.58
CA LYS A 224 7.44 26.18 46.51
C LYS A 224 7.94 25.78 47.93
N ALA A 225 7.59 24.58 48.38
CA ALA A 225 8.07 24.00 49.63
C ALA A 225 9.54 23.60 49.63
N SER A 226 10.23 23.66 48.51
CA SER A 226 11.56 23.07 48.42
C SER A 226 12.58 24.00 49.11
N GLY A 227 13.54 23.41 49.82
CA GLY A 227 14.61 24.14 50.51
C GLY A 227 15.90 24.20 49.69
N GLU A 228 15.90 23.49 48.56
CA GLU A 228 17.03 23.38 47.68
C GLU A 228 16.81 24.20 46.37
N GLN A 229 17.89 24.60 45.72
CA GLN A 229 17.87 25.37 44.46
C GLN A 229 17.95 24.40 43.25
N SER A 230 16.90 24.35 42.43
CA SER A 230 16.84 23.37 41.34
C SER A 230 17.47 23.78 39.99
N ASP A 231 17.39 25.06 39.68
CA ASP A 231 17.81 25.61 38.38
C ASP A 231 17.51 24.71 37.16
N ASP A 232 16.22 24.52 36.92
CA ASP A 232 15.69 23.66 35.82
C ASP A 232 14.66 24.38 34.94
N LEU A 233 13.93 23.62 34.10
CA LEU A 233 12.94 24.22 33.24
C LEU A 233 11.90 25.00 34.00
N LEU A 234 11.38 24.42 35.09
CA LEU A 234 10.40 25.06 35.92
C LEU A 234 10.94 26.38 36.51
N THR A 235 12.18 26.37 36.88
CA THR A 235 12.80 27.66 37.40
C THR A 235 12.62 28.78 36.38
N HIS A 236 12.99 28.49 35.13
CA HIS A 236 12.86 29.46 34.06
C HIS A 236 11.44 29.84 33.79
N MET A 237 10.54 28.85 33.79
CA MET A 237 9.14 29.19 33.69
C MET A 237 8.68 30.18 34.71
N LEU A 238 9.06 29.96 35.97
CA LEU A 238 8.51 30.78 37.08
C LEU A 238 9.13 32.17 37.14
N ASN A 239 10.41 32.27 36.79
CA ASN A 239 11.27 33.45 37.07
C ASN A 239 11.70 34.21 35.79
N GLY A 240 11.74 33.51 34.64
CA GLY A 240 12.42 34.07 33.47
C GLY A 240 11.66 35.27 32.94
N LYS A 241 12.38 36.23 32.40
CA LYS A 241 11.79 37.40 31.81
C LYS A 241 12.18 37.44 30.35
N ASP A 242 11.20 37.79 29.52
CA ASP A 242 11.44 37.99 28.08
C ASP A 242 12.29 39.28 27.87
N PRO A 243 13.49 39.13 27.27
CA PRO A 243 14.27 40.33 27.05
C PRO A 243 13.62 41.28 26.02
N GLU A 244 12.77 40.78 25.11
CA GLU A 244 12.05 41.70 24.19
C GLU A 244 11.01 42.62 24.92
N THR A 245 10.49 42.21 26.09
CA THR A 245 9.36 42.92 26.73
C THR A 245 9.54 43.23 28.22
N GLY A 246 10.58 42.64 28.82
CA GLY A 246 10.77 42.68 30.25
C GLY A 246 9.82 41.81 31.09
N GLU A 247 8.86 41.14 30.44
CA GLU A 247 7.82 40.44 31.22
C GLU A 247 8.11 38.95 31.50
N PRO A 248 7.66 38.43 32.67
CA PRO A 248 7.71 36.99 32.94
C PRO A 248 6.40 36.39 32.52
N LEU A 249 6.34 35.07 32.38
CA LEU A 249 5.05 34.44 32.03
C LEU A 249 4.02 34.64 33.11
N ASP A 250 2.75 34.79 32.76
CA ASP A 250 1.74 34.82 33.78
C ASP A 250 1.41 33.42 34.29
N ASP A 251 0.61 33.35 35.36
CA ASP A 251 0.38 32.09 36.08
C ASP A 251 -0.38 31.07 35.26
N GLU A 252 -1.37 31.56 34.53
CA GLU A 252 -2.20 30.70 33.70
C GLU A 252 -1.30 30.07 32.60
N ASN A 253 -0.44 30.86 32.00
CA ASN A 253 0.45 30.35 30.95
C ASN A 253 1.44 29.34 31.46
N ILE A 254 1.99 29.62 32.65
CA ILE A 254 2.87 28.68 33.31
C ILE A 254 2.24 27.30 33.44
N ARG A 255 0.99 27.23 33.88
CA ARG A 255 0.29 25.97 34.04
C ARG A 255 0.14 25.24 32.71
N TYR A 256 -0.21 25.98 31.66
CA TYR A 256 -0.25 25.40 30.33
C TYR A 256 1.13 24.88 29.86
N GLN A 257 2.24 25.59 30.09
CA GLN A 257 3.57 25.10 29.74
C GLN A 257 3.93 23.83 30.49
N ILE A 258 3.53 23.69 31.76
CA ILE A 258 3.91 22.50 32.51
C ILE A 258 3.23 21.27 31.88
N ILE A 259 1.97 21.43 31.58
CA ILE A 259 1.18 20.33 30.97
C ILE A 259 1.81 19.98 29.59
N THR A 260 2.08 21.04 28.83
CA THR A 260 2.68 20.95 27.48
C THR A 260 3.97 20.16 27.49
N PHE A 261 4.84 20.52 28.41
CA PHE A 261 6.13 19.89 28.51
C PHE A 261 6.08 18.49 29.07
N LEU A 262 5.20 18.22 30.03
CA LEU A 262 5.11 16.87 30.58
C LEU A 262 4.66 15.87 29.48
N ILE A 263 3.73 16.33 28.64
CA ILE A 263 3.22 15.53 27.51
C ILE A 263 4.15 15.44 26.33
N ALA A 264 4.43 16.59 25.72
CA ALA A 264 5.32 16.62 24.56
C ALA A 264 6.69 16.04 24.90
N GLY A 265 7.10 16.25 26.14
CA GLY A 265 8.41 15.83 26.68
C GLY A 265 8.62 14.37 26.88
N HIS A 266 7.63 13.52 26.72
CA HIS A 266 7.88 12.08 26.86
C HIS A 266 7.28 11.16 25.82
N GLU A 267 6.13 11.50 25.26
CA GLU A 267 5.43 10.48 24.46
C GLU A 267 6.14 10.06 23.13
N THR A 268 6.59 11.03 22.36
CA THR A 268 7.29 10.79 21.07
C THR A 268 8.67 10.15 21.30
N THR A 269 9.29 10.46 22.44
CA THR A 269 10.60 9.87 22.77
C THR A 269 10.46 8.38 23.16
N SER A 270 9.40 8.02 23.89
CA SER A 270 9.07 6.62 24.17
CA SER A 270 9.12 6.61 24.18
C SER A 270 8.86 5.83 22.90
N GLY A 271 8.08 6.43 21.99
CA GLY A 271 7.82 5.82 20.66
C GLY A 271 9.15 5.59 19.92
N LEU A 272 10.02 6.59 19.90
CA LEU A 272 11.32 6.45 19.24
C LEU A 272 12.19 5.31 19.80
N LEU A 273 12.32 5.22 21.14
CA LEU A 273 13.12 4.18 21.75
C LEU A 273 12.53 2.81 21.38
N SER A 274 11.21 2.69 21.42
CA SER A 274 10.53 1.42 21.09
C SER A 274 10.80 0.99 19.60
N PHE A 275 10.60 1.91 18.64
CA PHE A 275 10.91 1.67 17.24
C PHE A 275 12.39 1.33 17.02
N ALA A 276 13.29 2.01 17.71
CA ALA A 276 14.70 1.72 17.59
C ALA A 276 15.04 0.32 18.05
N LEU A 277 14.51 -0.11 19.18
CA LEU A 277 14.79 -1.45 19.63
C LEU A 277 14.14 -2.50 18.71
N TYR A 278 12.95 -2.19 18.17
CA TYR A 278 12.33 -3.04 17.16
C TYR A 278 13.22 -3.26 15.95
N PHE A 279 13.76 -2.17 15.41
CA PHE A 279 14.57 -2.28 14.20
C PHE A 279 15.88 -2.97 14.53
N LEU A 280 16.42 -2.76 15.69
CA LEU A 280 17.64 -3.51 16.11
C LEU A 280 17.46 -5.00 16.21
N VAL A 281 16.40 -5.45 16.86
CA VAL A 281 16.21 -6.90 16.96
C VAL A 281 15.89 -7.56 15.62
N LYS A 282 15.30 -6.82 14.67
CA LYS A 282 15.03 -7.32 13.31
C LYS A 282 16.23 -7.25 12.35
N ASN A 283 17.32 -6.59 12.76
CA ASN A 283 18.51 -6.39 11.96
C ASN A 283 19.74 -6.69 12.79
N PRO A 284 20.00 -7.96 13.00
CA PRO A 284 21.03 -8.38 13.94
C PRO A 284 22.43 -7.83 13.68
N HIS A 285 22.79 -7.59 12.43
CA HIS A 285 24.11 -7.07 12.16
C HIS A 285 24.19 -5.60 12.60
N VAL A 286 23.09 -4.87 12.47
CA VAL A 286 23.03 -3.48 12.97
C VAL A 286 23.17 -3.42 14.52
N LEU A 287 22.48 -4.38 15.17
CA LEU A 287 22.46 -4.56 16.61
C LEU A 287 23.84 -4.84 17.08
N GLN A 288 24.54 -5.72 16.36
CA GLN A 288 25.92 -6.07 16.74
C GLN A 288 26.85 -4.86 16.71
N LYS A 289 26.74 -4.07 15.65
CA LYS A 289 27.58 -2.92 15.48
C LYS A 289 27.26 -1.82 16.55
N ALA A 290 25.97 -1.63 16.83
CA ALA A 290 25.59 -0.68 17.90
C ALA A 290 26.09 -1.13 19.29
N ALA A 291 25.91 -2.40 19.57
CA ALA A 291 26.32 -2.98 20.81
C ALA A 291 27.85 -2.95 20.96
N GLU A 292 28.60 -3.19 19.87
CA GLU A 292 30.07 -3.02 19.88
C GLU A 292 30.42 -1.58 20.20
N GLU A 293 29.70 -0.60 19.64
CA GLU A 293 30.03 0.79 19.95
C GLU A 293 29.74 1.13 21.45
N ALA A 294 28.60 0.67 21.93
CA ALA A 294 28.24 0.91 23.33
C ALA A 294 29.33 0.35 24.28
N ALA A 295 29.74 -0.87 24.00
CA ALA A 295 30.73 -1.51 24.83
C ALA A 295 32.08 -0.77 24.79
N ARG A 296 32.49 -0.33 23.62
CA ARG A 296 33.78 0.37 23.50
C ARG A 296 33.75 1.74 24.14
N VAL A 297 32.63 2.45 24.05
CA VAL A 297 32.57 3.85 24.44
C VAL A 297 32.18 3.98 25.91
N LEU A 298 31.22 3.15 26.36
CA LEU A 298 30.68 3.28 27.74
C LEU A 298 31.51 2.48 28.71
N VAL A 299 32.68 3.00 28.99
CA VAL A 299 33.71 2.27 29.78
C VAL A 299 33.58 2.44 31.29
N ASP A 300 32.86 3.46 31.75
CA ASP A 300 32.60 3.67 33.15
C ASP A 300 31.27 3.07 33.64
N PRO A 301 31.12 2.91 34.94
CA PRO A 301 29.91 2.28 35.48
C PRO A 301 28.63 3.06 35.19
N VAL A 302 28.70 4.39 35.09
CA VAL A 302 27.64 5.10 34.42
C VAL A 302 28.21 6.09 33.38
N PRO A 303 27.40 6.38 32.38
CA PRO A 303 27.85 7.24 31.30
C PRO A 303 27.99 8.71 31.69
N SER A 304 29.02 9.33 31.19
CA SER A 304 29.18 10.77 31.21
C SER A 304 28.53 11.44 30.01
N TYR A 305 28.42 12.75 30.11
CA TYR A 305 27.83 13.49 29.03
C TYR A 305 28.66 13.33 27.76
N LYS A 306 29.98 13.48 27.91
CA LYS A 306 30.85 13.41 26.75
C LYS A 306 30.82 12.02 26.12
N GLN A 307 30.70 10.96 26.91
CA GLN A 307 30.56 9.63 26.33
C GLN A 307 29.30 9.47 25.45
N VAL A 308 28.15 10.03 25.86
CA VAL A 308 26.91 9.87 25.13
C VAL A 308 27.04 10.52 23.76
N LYS A 309 27.75 11.66 23.72
CA LYS A 309 28.11 12.32 22.46
C LYS A 309 28.97 11.51 21.51
N GLN A 310 29.68 10.52 22.00
CA GLN A 310 30.56 9.72 21.20
C GLN A 310 29.81 8.49 20.70
N LEU A 311 28.56 8.28 21.09
CA LEU A 311 27.82 7.14 20.54
C LEU A 311 27.23 7.51 19.17
N LYS A 312 28.09 7.62 18.16
CA LYS A 312 27.70 8.15 16.89
C LYS A 312 26.74 7.20 16.17
N TYR A 313 27.13 5.94 16.12
CA TYR A 313 26.31 4.96 15.46
C TYR A 313 24.92 4.83 16.13
N VAL A 314 24.92 4.86 17.44
CA VAL A 314 23.64 4.87 18.16
C VAL A 314 22.76 6.04 17.68
N GLY A 315 23.33 7.20 17.56
CA GLY A 315 22.65 8.40 17.00
C GLY A 315 22.05 8.17 15.64
N MET A 316 22.80 7.40 14.80
CA MET A 316 22.39 7.09 13.47
C MET A 316 21.25 6.09 13.47
N VAL A 317 21.31 5.12 14.40
CA VAL A 317 20.22 4.15 14.60
C VAL A 317 18.91 4.95 14.94
N LEU A 318 19.02 5.91 15.83
CA LEU A 318 17.85 6.73 16.19
C LEU A 318 17.31 7.55 15.04
N ASN A 319 18.18 8.21 14.29
CA ASN A 319 17.80 8.97 13.11
C ASN A 319 17.15 8.08 12.04
N GLU A 320 17.64 6.88 11.92
CA GLU A 320 17.04 5.96 10.91
C GLU A 320 15.69 5.40 11.40
N ALA A 321 15.52 5.23 12.70
CA ALA A 321 14.21 4.94 13.24
C ALA A 321 13.22 6.08 13.04
N LEU A 322 13.64 7.30 13.24
CA LEU A 322 12.85 8.49 12.97
C LEU A 322 12.55 8.70 11.52
N ARG A 323 13.40 8.16 10.65
CA ARG A 323 13.12 8.27 9.25
C ARG A 323 11.92 7.40 8.91
N LEU A 324 11.98 6.12 9.26
CA LEU A 324 10.95 5.23 8.85
C LEU A 324 9.60 5.50 9.63
N TRP A 325 9.70 5.74 10.93
CA TRP A 325 8.48 5.98 11.74
C TRP A 325 8.67 7.22 12.63
N PRO A 326 8.52 8.36 12.04
CA PRO A 326 8.66 9.62 12.82
C PRO A 326 7.43 9.69 13.77
N THR A 327 7.67 9.77 15.06
CA THR A 327 6.65 9.47 16.04
C THR A 327 5.62 10.61 16.22
N ALA A 328 5.91 11.82 15.74
CA ALA A 328 4.92 12.90 15.56
C ALA A 328 4.79 13.03 14.07
N PRO A 329 3.84 12.28 13.44
CA PRO A 329 4.01 12.03 11.98
C PRO A 329 3.55 13.10 11.04
N ALA A 330 2.99 14.19 11.53
CA ALA A 330 2.50 15.24 10.65
C ALA A 330 2.57 16.60 11.31
N PHE A 331 2.92 17.62 10.56
CA PHE A 331 2.72 19.03 10.98
C PHE A 331 2.06 19.88 9.89
N SER A 332 1.31 20.89 10.32
CA SER A 332 0.44 21.69 9.48
C SER A 332 0.98 23.12 9.27
N LEU A 333 0.88 23.62 8.03
CA LEU A 333 1.26 24.98 7.66
C LEU A 333 0.05 25.66 7.01
N TYR A 334 0.05 26.96 6.95
CA TYR A 334 -0.89 27.72 6.11
C TYR A 334 -0.15 28.71 5.26
N ALA A 335 -0.73 28.99 4.08
CA ALA A 335 -0.25 30.03 3.18
C ALA A 335 -0.44 31.42 3.72
N LYS A 336 0.62 32.19 3.82
CA LYS A 336 0.52 33.54 4.37
C LYS A 336 -0.12 34.49 3.39
N GLU A 337 0.06 34.24 2.10
CA GLU A 337 -0.60 35.02 1.04
C GLU A 337 -0.92 34.07 -0.10
N ASP A 338 -1.73 34.51 -1.06
CA ASP A 338 -2.00 33.75 -2.28
C ASP A 338 -0.63 33.41 -2.89
N THR A 339 -0.45 32.21 -3.41
CA THR A 339 0.86 31.81 -3.91
C THR A 339 0.67 30.56 -4.73
N VAL A 340 1.71 30.13 -5.44
CA VAL A 340 1.66 28.93 -6.25
C VAL A 340 2.73 27.98 -5.74
N LEU A 341 2.35 26.74 -5.46
CA LEU A 341 3.26 25.77 -4.95
C LEU A 341 3.74 24.89 -6.10
N GLY A 342 5.06 24.72 -6.19
CA GLY A 342 5.70 23.84 -7.14
C GLY A 342 5.48 24.18 -8.61
N GLY A 343 5.28 25.46 -8.88
CA GLY A 343 4.90 25.95 -10.19
C GLY A 343 3.57 25.43 -10.73
N GLU A 344 2.79 24.69 -9.94
CA GLU A 344 1.63 23.98 -10.46
C GLU A 344 0.34 24.10 -9.64
N TYR A 345 0.45 24.35 -8.33
CA TYR A 345 -0.72 24.29 -7.45
C TYR A 345 -1.02 25.59 -6.78
N PRO A 346 -2.02 26.36 -7.30
CA PRO A 346 -2.35 27.66 -6.74
C PRO A 346 -2.95 27.48 -5.35
N LEU A 347 -2.62 28.40 -4.44
CA LEU A 347 -3.14 28.35 -3.08
C LEU A 347 -3.62 29.72 -2.72
N GLU A 348 -4.67 29.80 -1.94
CA GLU A 348 -5.10 31.06 -1.46
C GLU A 348 -4.59 31.30 -0.05
N LYS A 349 -4.43 32.56 0.28
CA LYS A 349 -4.20 32.99 1.65
C LYS A 349 -5.00 32.19 2.65
N GLY A 350 -4.30 31.59 3.61
CA GLY A 350 -4.93 30.79 4.67
C GLY A 350 -5.09 29.34 4.33
N ASP A 351 -4.90 28.93 3.08
CA ASP A 351 -5.01 27.48 2.78
C ASP A 351 -4.03 26.66 3.62
N GLU A 352 -4.50 25.51 4.03
CA GLU A 352 -3.80 24.59 4.91
C GLU A 352 -3.07 23.51 4.17
N LEU A 353 -1.82 23.26 4.61
CA LEU A 353 -1.04 22.13 4.12
C LEU A 353 -0.68 21.22 5.30
N MET A 354 -0.69 19.93 5.10
CA MET A 354 -0.25 18.99 6.06
C MET A 354 0.96 18.22 5.48
N VAL A 355 2.10 18.28 6.21
CA VAL A 355 3.33 17.54 5.81
C VAL A 355 3.23 16.17 6.35
N LEU A 356 3.18 15.16 5.48
CA LEU A 356 3.09 13.78 5.90
C LEU A 356 4.51 13.20 6.00
N ILE A 357 5.07 13.26 7.20
CA ILE A 357 6.50 13.03 7.39
C ILE A 357 6.90 11.63 6.96
N PRO A 358 6.16 10.57 7.34
CA PRO A 358 6.65 9.24 6.90
C PRO A 358 6.77 9.08 5.38
N GLN A 359 5.96 9.82 4.60
CA GLN A 359 6.00 9.72 3.16
C GLN A 359 7.12 10.53 2.66
N LEU A 360 7.35 11.71 3.24
CA LEU A 360 8.51 12.48 2.86
C LEU A 360 9.80 11.62 2.96
N HIS A 361 9.88 10.86 4.01
CA HIS A 361 11.05 10.08 4.35
C HIS A 361 11.18 8.79 3.54
N ARG A 362 10.16 8.56 2.70
CA ARG A 362 10.16 7.44 1.74
C ARG A 362 10.25 7.93 0.28
N ASP A 363 10.61 9.21 0.08
CA ASP A 363 10.72 9.83 -1.22
C ASP A 363 11.95 9.16 -1.92
N LYS A 364 11.70 8.30 -2.90
CA LYS A 364 12.78 7.58 -3.59
C LYS A 364 13.73 8.45 -4.40
N THR A 365 13.26 9.63 -4.80
CA THR A 365 14.10 10.59 -5.46
C THR A 365 15.22 11.08 -4.55
N ILE A 366 14.99 11.01 -3.26
CA ILE A 366 16.00 11.42 -2.26
C ILE A 366 16.80 10.24 -1.71
N TRP A 367 16.10 9.21 -1.29
CA TRP A 367 16.70 8.13 -0.50
C TRP A 367 17.07 6.88 -1.34
N GLY A 368 16.65 6.85 -2.60
CA GLY A 368 16.92 5.70 -3.46
C GLY A 368 15.92 4.60 -3.31
N ASP A 369 16.25 3.45 -3.86
CA ASP A 369 15.31 2.35 -3.91
C ASP A 369 15.45 1.44 -2.66
N ASP A 370 16.33 1.74 -1.72
CA ASP A 370 16.38 0.96 -0.48
C ASP A 370 15.60 1.69 0.65
N VAL A 371 14.53 2.44 0.27
CA VAL A 371 13.86 3.33 1.26
C VAL A 371 13.28 2.57 2.43
N GLU A 372 12.80 1.34 2.20
CA GLU A 372 12.22 0.56 3.25
C GLU A 372 13.26 -0.16 4.07
N GLU A 373 14.49 -0.22 3.63
CA GLU A 373 15.52 -0.93 4.44
C GLU A 373 15.92 -0.06 5.67
N PHE A 374 16.21 -0.71 6.79
CA PHE A 374 16.77 -0.05 7.96
C PHE A 374 18.31 -0.02 7.86
N ARG A 375 18.86 1.14 7.54
CA ARG A 375 20.26 1.26 7.17
C ARG A 375 20.81 2.52 7.76
N PRO A 376 21.24 2.46 9.03
CA PRO A 376 21.64 3.70 9.76
C PRO A 376 22.79 4.39 9.06
N GLU A 377 23.58 3.60 8.29
CA GLU A 377 24.70 4.14 7.51
C GLU A 377 24.28 5.22 6.51
N ARG A 378 22.99 5.32 6.17
CA ARG A 378 22.54 6.42 5.36
C ARG A 378 22.94 7.75 5.91
N PHE A 379 23.04 7.83 7.21
CA PHE A 379 23.31 9.09 7.92
C PHE A 379 24.79 9.31 8.18
N GLU A 380 25.64 8.44 7.65
CA GLU A 380 27.10 8.66 7.82
C GLU A 380 27.53 10.08 7.50
N ASN A 381 27.10 10.58 6.34
CA ASN A 381 27.45 11.95 5.89
C ASN A 381 26.23 12.86 5.75
N PRO A 382 25.98 13.71 6.77
CA PRO A 382 24.94 14.76 6.86
C PRO A 382 24.76 15.57 5.60
N SER A 383 25.87 15.97 4.98
CA SER A 383 25.77 16.89 3.81
C SER A 383 25.24 16.15 2.58
N ALA A 384 25.23 14.82 2.59
CA ALA A 384 24.54 14.06 1.52
C ALA A 384 23.00 14.00 1.69
N ILE A 385 22.46 14.69 2.67
CA ILE A 385 21.00 14.74 2.88
C ILE A 385 20.50 16.14 2.56
N PRO A 386 19.78 16.31 1.47
CA PRO A 386 19.31 17.61 1.08
C PRO A 386 18.49 18.31 2.17
N GLN A 387 18.54 19.64 2.15
CA GLN A 387 17.75 20.44 3.05
C GLN A 387 16.24 20.03 2.91
N HIS A 388 15.53 19.95 4.02
CA HIS A 388 14.13 19.63 4.07
C HIS A 388 13.76 18.24 3.62
N ALA A 389 14.72 17.33 3.48
CA ALA A 389 14.41 15.90 3.24
C ALA A 389 14.07 15.10 4.48
N PHE A 390 14.56 15.51 5.64
CA PHE A 390 14.44 14.76 6.89
C PHE A 390 13.97 15.71 7.95
N LYS A 391 12.72 15.55 8.36
CA LYS A 391 12.11 16.57 9.21
C LYS A 391 11.28 16.00 10.36
N PRO A 392 11.83 15.02 11.09
CA PRO A 392 11.07 14.43 12.19
C PRO A 392 10.78 15.40 13.33
N PHE A 393 11.49 16.53 13.39
CA PHE A 393 11.31 17.57 14.42
C PHE A 393 10.64 18.86 13.97
N GLY A 394 9.99 18.82 12.84
CA GLY A 394 9.29 20.02 12.36
C GLY A 394 10.19 21.01 11.71
N ASN A 395 9.76 22.25 11.63
CA ASN A 395 10.45 23.20 10.77
C ASN A 395 10.65 24.62 11.34
N GLY A 396 11.82 25.17 11.07
CA GLY A 396 12.09 26.63 11.31
C GLY A 396 11.89 27.01 12.75
N GLN A 397 11.36 28.21 12.99
CA GLN A 397 11.23 28.73 14.34
C GLN A 397 10.18 27.97 15.16
N ARG A 398 9.27 27.21 14.49
CA ARG A 398 8.37 26.35 15.17
C ARG A 398 8.86 24.90 15.21
N ALA A 399 10.15 24.64 15.03
CA ALA A 399 10.65 23.27 15.14
C ALA A 399 10.71 22.84 16.64
N CYS A 400 10.94 21.56 16.88
CA CYS A 400 10.89 21.04 18.23
C CYS A 400 11.94 21.71 19.14
N ILE A 401 11.49 22.32 20.24
CA ILE A 401 12.45 22.98 21.14
C ILE A 401 13.20 21.95 21.98
N GLY A 402 12.59 20.75 22.07
CA GLY A 402 13.11 19.63 22.80
C GLY A 402 13.98 18.62 22.06
N GLN A 403 14.41 18.94 20.84
CA GLN A 403 15.02 17.93 19.97
C GLN A 403 16.25 17.32 20.62
N GLN A 404 17.15 18.18 21.08
CA GLN A 404 18.46 17.70 21.66
C GLN A 404 18.23 16.95 22.98
N PHE A 405 17.24 17.37 23.76
CA PHE A 405 16.83 16.65 24.97
C PHE A 405 16.38 15.17 24.66
N ALA A 406 15.48 15.04 23.69
CA ALA A 406 15.01 13.74 23.21
C ALA A 406 16.20 12.85 22.76
N LEU A 407 17.05 13.42 21.95
CA LEU A 407 18.10 12.64 21.36
C LEU A 407 19.23 12.31 22.36
N HIS A 408 19.53 13.21 23.29
CA HIS A 408 20.43 12.86 24.35
C HIS A 408 19.90 11.75 25.26
N GLU A 409 18.62 11.83 25.63
CA GLU A 409 18.03 10.85 26.50
C GLU A 409 18.01 9.53 25.76
N ALA A 410 17.59 9.55 24.49
CA ALA A 410 17.36 8.26 23.75
C ALA A 410 18.72 7.59 23.50
N THR A 411 19.73 8.39 23.21
CA THR A 411 21.10 7.87 22.95
C THR A 411 21.71 7.27 24.24
N LEU A 412 21.66 8.01 25.33
CA LEU A 412 22.07 7.49 26.63
C LEU A 412 21.41 6.16 26.94
N VAL A 413 20.09 6.13 26.84
CA VAL A 413 19.32 4.93 27.29
C VAL A 413 19.59 3.73 26.38
N LEU A 414 19.55 3.97 25.08
CA LEU A 414 19.81 2.86 24.15
C LEU A 414 21.23 2.36 24.29
N GLY A 415 22.15 3.27 24.57
CA GLY A 415 23.52 2.84 24.80
C GLY A 415 23.68 1.96 26.01
N MET A 416 23.07 2.37 27.11
CA MET A 416 23.08 1.55 28.32
C MET A 416 22.40 0.21 28.08
N MET A 417 21.29 0.22 27.37
CA MET A 417 20.58 -1.04 27.11
C MET A 417 21.49 -2.04 26.36
N LEU A 418 22.17 -1.51 25.35
CA LEU A 418 23.04 -2.32 24.48
C LEU A 418 24.32 -2.80 25.16
N LYS A 419 24.82 -2.01 26.12
CA LYS A 419 25.94 -2.39 26.94
C LYS A 419 25.59 -3.53 27.88
N HIS A 420 24.38 -3.49 28.46
CA HIS A 420 24.12 -4.33 29.64
C HIS A 420 23.39 -5.65 29.34
N PHE A 421 22.74 -5.74 28.20
CA PHE A 421 21.96 -6.90 27.82
C PHE A 421 22.12 -7.36 26.36
N ASP A 422 21.81 -8.62 26.13
CA ASP A 422 21.59 -9.19 24.79
C ASP A 422 20.12 -9.36 24.67
N PHE A 423 19.56 -9.06 23.53
CA PHE A 423 18.13 -9.06 23.37
C PHE A 423 17.68 -10.13 22.46
N GLU A 424 16.52 -10.73 22.75
CA GLU A 424 15.93 -11.74 21.91
C GLU A 424 14.51 -11.36 21.50
N ASP A 425 14.25 -11.44 20.18
CA ASP A 425 12.93 -11.29 19.65
C ASP A 425 12.26 -12.64 19.80
N HIS A 426 11.88 -12.98 21.01
CA HIS A 426 11.47 -14.36 21.33
C HIS A 426 10.14 -14.76 20.73
N THR A 427 9.33 -13.80 20.35
CA THR A 427 8.02 -14.10 19.78
C THR A 427 8.00 -13.92 18.28
N ASN A 428 9.13 -13.60 17.69
CA ASN A 428 9.17 -13.16 16.29
C ASN A 428 8.06 -12.14 16.02
N TYR A 429 8.09 -11.06 16.78
CA TYR A 429 7.06 -10.04 16.82
C TYR A 429 6.76 -9.42 15.51
N GLU A 430 5.47 -9.32 15.22
CA GLU A 430 5.03 -8.70 13.99
C GLU A 430 4.65 -7.25 14.29
N LEU A 431 5.28 -6.31 13.61
CA LEU A 431 5.02 -4.88 13.83
C LEU A 431 3.55 -4.52 13.71
N ASP A 432 2.99 -3.95 14.78
CA ASP A 432 1.64 -3.41 14.79
C ASP A 432 1.74 -1.96 15.35
N ILE A 433 1.46 -0.97 14.53
CA ILE A 433 1.66 0.42 14.93
C ILE A 433 0.36 0.99 15.41
N LYS A 434 0.30 1.27 16.70
CA LYS A 434 -0.85 1.88 17.35
C LYS A 434 -0.73 3.35 17.17
N GLU A 435 -1.83 4.00 16.79
CA GLU A 435 -1.82 5.41 16.70
C GLU A 435 -2.65 6.10 17.78
N THR A 436 -2.05 7.09 18.43
CA THR A 436 -2.84 7.95 19.30
C THR A 436 -2.84 9.22 18.48
N LEU A 437 -2.30 10.32 18.98
CA LEU A 437 -1.86 11.37 18.05
C LEU A 437 -0.35 11.12 17.62
N THR A 438 0.32 10.15 18.21
CA THR A 438 1.66 9.78 17.91
C THR A 438 1.65 8.29 17.48
N LEU A 439 2.81 7.78 17.11
CA LEU A 439 3.02 6.39 16.73
C LEU A 439 3.84 5.61 17.69
N LYS A 440 3.48 4.34 17.92
CA LYS A 440 4.24 3.50 18.83
C LYS A 440 4.02 2.04 18.41
N PRO A 441 5.03 1.16 18.58
CA PRO A 441 4.73 -0.27 18.34
C PRO A 441 3.86 -0.81 19.53
N GLU A 442 2.84 -1.56 19.19
CA GLU A 442 1.98 -2.12 20.20
C GLU A 442 2.27 -3.57 20.35
N GLY A 443 2.37 -3.98 21.60
CA GLY A 443 2.54 -5.38 21.93
C GLY A 443 3.96 -5.85 21.71
N PHE A 444 4.89 -4.93 21.41
CA PHE A 444 6.29 -5.31 21.24
C PHE A 444 6.89 -5.78 22.56
N VAL A 445 7.41 -7.03 22.56
CA VAL A 445 7.97 -7.70 23.70
C VAL A 445 9.29 -8.32 23.27
N VAL A 446 10.25 -8.32 24.17
CA VAL A 446 11.56 -8.98 24.00
C VAL A 446 11.98 -9.65 25.27
N LYS A 447 13.01 -10.50 25.18
CA LYS A 447 13.69 -10.99 26.35
C LYS A 447 15.08 -10.42 26.38
N ALA A 448 15.58 -10.09 27.58
CA ALA A 448 16.92 -9.54 27.73
C ALA A 448 17.74 -10.39 28.62
N LYS A 449 18.88 -10.86 28.13
CA LYS A 449 19.79 -11.62 28.96
C LYS A 449 20.96 -10.72 29.41
N SER A 450 21.12 -10.58 30.73
CA SER A 450 22.07 -9.67 31.28
C SER A 450 23.46 -10.17 30.90
N LYS A 451 24.33 -9.23 30.57
CA LYS A 451 25.73 -9.52 30.39
C LYS A 451 26.47 -9.40 31.72
N LYS A 452 25.72 -9.13 32.81
CA LYS A 452 26.22 -9.09 34.21
C LYS A 452 27.35 -8.08 34.39
N ILE A 453 27.17 -6.87 33.85
CA ILE A 453 28.18 -5.81 33.98
C ILE A 453 27.72 -4.85 35.06
N PRO A 454 28.58 -4.61 36.06
CA PRO A 454 28.13 -3.77 37.17
C PRO A 454 27.74 -2.37 36.74
N LEU A 455 26.75 -1.81 37.45
CA LEU A 455 26.36 -0.40 37.35
C LEU A 455 27.01 0.36 38.49
N GLY A 456 27.09 1.68 38.36
CA GLY A 456 27.56 2.49 39.50
C GLY A 456 26.36 3.19 40.12
N GLY A 457 26.60 3.83 41.27
CA GLY A 457 25.64 4.77 41.86
C GLY A 457 25.42 6.03 41.00
N ILE B 2 -13.21 -22.69 14.92
CA ILE B 2 -11.92 -21.93 14.73
C ILE B 2 -10.70 -22.89 14.58
N LYS B 3 -10.31 -23.19 13.34
CA LYS B 3 -9.13 -24.01 13.06
C LYS B 3 -7.87 -23.19 12.78
N GLU B 4 -6.74 -23.86 13.04
CA GLU B 4 -5.42 -23.54 12.42
C GLU B 4 -5.55 -23.69 10.87
N MET B 5 -5.01 -22.75 10.13
CA MET B 5 -5.11 -22.82 8.68
C MET B 5 -3.99 -23.72 8.22
N PRO B 6 -4.28 -24.65 7.33
CA PRO B 6 -3.16 -25.43 6.75
C PRO B 6 -2.08 -24.55 6.09
N GLN B 7 -0.80 -25.00 6.14
CA GLN B 7 0.26 -24.25 5.60
C GLN B 7 1.35 -25.23 5.16
N PRO B 8 2.06 -24.97 4.03
CA PRO B 8 3.11 -25.94 3.70
C PRO B 8 4.30 -25.73 4.60
N LYS B 9 5.32 -26.58 4.47
CA LYS B 9 6.49 -26.43 5.36
C LYS B 9 7.25 -25.17 5.15
N THR B 10 7.73 -24.60 6.25
CA THR B 10 8.49 -23.39 6.16
C THR B 10 9.96 -23.75 6.36
N PHE B 11 10.83 -22.89 5.85
CA PHE B 11 12.29 -23.13 5.92
C PHE B 11 12.99 -21.90 6.50
N GLY B 12 12.83 -21.72 7.81
N GLY B 12 12.94 -21.76 7.82
CA GLY B 12 13.46 -20.60 8.50
CA GLY B 12 13.61 -20.63 8.48
C GLY B 12 13.04 -19.27 7.94
C GLY B 12 13.08 -19.32 7.96
N GLU B 13 14.00 -18.37 7.75
CA GLU B 13 13.66 -17.04 7.26
C GLU B 13 13.21 -17.04 5.77
N LEU B 14 13.43 -18.14 5.06
CA LEU B 14 12.90 -18.26 3.66
C LEU B 14 11.36 -18.52 3.60
N LYS B 15 10.78 -18.90 4.75
CA LYS B 15 9.40 -19.24 4.92
C LYS B 15 9.00 -20.31 3.87
N ASN B 16 7.95 -20.07 3.08
CA ASN B 16 7.49 -21.10 2.11
C ASN B 16 8.09 -20.92 0.75
N LEU B 17 8.86 -19.86 0.56
CA LEU B 17 9.34 -19.53 -0.74
C LEU B 17 10.15 -20.62 -1.52
N PRO B 18 11.00 -21.37 -0.83
CA PRO B 18 11.72 -22.47 -1.55
C PRO B 18 10.82 -23.53 -2.22
N LEU B 19 9.54 -23.55 -1.90
CA LEU B 19 8.56 -24.41 -2.59
C LEU B 19 8.00 -23.88 -3.94
N LEU B 20 8.30 -22.64 -4.25
CA LEU B 20 7.92 -21.97 -5.50
C LEU B 20 9.11 -21.51 -6.21
N ASN B 21 10.16 -22.31 -6.27
CA ASN B 21 11.31 -21.94 -7.10
C ASN B 21 11.07 -22.45 -8.55
N THR B 22 10.37 -21.68 -9.37
CA THR B 22 9.84 -22.16 -10.64
C THR B 22 9.38 -20.98 -11.49
N ASP B 23 9.38 -21.14 -12.81
CA ASP B 23 8.81 -20.19 -13.77
C ASP B 23 7.28 -20.47 -13.94
N LYS B 24 6.76 -21.50 -13.25
CA LYS B 24 5.35 -21.87 -13.35
C LYS B 24 4.69 -21.92 -11.97
N PRO B 25 4.58 -20.77 -11.29
CA PRO B 25 4.14 -20.78 -9.92
C PRO B 25 2.69 -21.15 -9.71
N VAL B 26 1.81 -20.80 -10.68
CA VAL B 26 0.39 -21.14 -10.53
C VAL B 26 0.16 -22.64 -10.57
N GLN B 27 0.83 -23.30 -11.49
CA GLN B 27 0.81 -24.74 -11.54
C GLN B 27 1.37 -25.40 -10.27
N ALA B 28 2.42 -24.85 -9.74
CA ALA B 28 2.99 -25.40 -8.53
C ALA B 28 2.01 -25.19 -7.35
N LEU B 29 1.39 -24.02 -7.28
CA LEU B 29 0.37 -23.77 -6.24
C LEU B 29 -0.83 -24.72 -6.33
N MET B 30 -1.23 -25.06 -7.51
CA MET B 30 -2.27 -26.06 -7.70
C MET B 30 -1.93 -27.38 -7.08
N LYS B 31 -0.71 -27.80 -7.26
CA LYS B 31 -0.26 -29.06 -6.64
C LYS B 31 -0.29 -28.97 -5.11
N ILE B 32 0.17 -27.84 -4.55
CA ILE B 32 0.07 -27.60 -3.15
C ILE B 32 -1.40 -27.65 -2.68
N ALA B 33 -2.28 -26.97 -3.41
CA ALA B 33 -3.72 -27.08 -3.12
C ALA B 33 -4.24 -28.53 -3.14
N ASP B 34 -3.79 -29.32 -4.11
CA ASP B 34 -4.18 -30.74 -4.15
C ASP B 34 -3.77 -31.47 -2.87
N GLU B 35 -2.65 -31.10 -2.29
CA GLU B 35 -2.15 -31.69 -1.05
C GLU B 35 -2.85 -31.18 0.23
N LEU B 36 -3.05 -29.86 0.34
CA LEU B 36 -3.59 -29.22 1.55
C LEU B 36 -5.05 -28.88 1.56
N GLY B 37 -5.67 -28.83 0.38
CA GLY B 37 -7.11 -28.66 0.28
C GLY B 37 -7.52 -27.21 0.05
N GLU B 38 -8.71 -26.88 0.54
CA GLU B 38 -9.44 -25.71 0.08
C GLU B 38 -8.83 -24.41 0.43
N ILE B 39 -8.00 -24.42 1.46
CA ILE B 39 -7.34 -23.20 1.88
C ILE B 39 -5.99 -23.46 2.50
N PHE B 40 -4.99 -22.68 2.07
CA PHE B 40 -3.72 -22.66 2.77
C PHE B 40 -3.11 -21.28 2.80
N LYS B 41 -2.33 -21.07 3.86
CA LYS B 41 -1.52 -19.89 4.00
C LYS B 41 -0.17 -20.11 3.37
N PHE B 42 0.33 -19.07 2.75
CA PHE B 42 1.59 -19.09 2.04
C PHE B 42 2.38 -17.86 2.41
N GLU B 43 3.57 -18.05 2.94
CA GLU B 43 4.38 -16.94 3.44
C GLU B 43 5.67 -16.89 2.70
N ALA B 44 6.07 -15.69 2.32
CA ALA B 44 7.40 -15.45 1.78
C ALA B 44 7.92 -14.29 2.63
N PRO B 45 9.23 -13.99 2.54
CA PRO B 45 9.76 -12.92 3.37
C PRO B 45 9.06 -11.62 3.02
N GLY B 46 8.46 -11.00 4.00
CA GLY B 46 7.76 -9.77 3.74
C GLY B 46 6.27 -9.89 3.43
N ARG B 47 5.76 -11.07 3.03
CA ARG B 47 4.38 -11.19 2.56
C ARG B 47 3.68 -12.46 3.00
N VAL B 48 2.37 -12.35 3.10
CA VAL B 48 1.53 -13.49 3.49
C VAL B 48 0.25 -13.39 2.68
N THR B 49 -0.13 -14.53 2.11
CA THR B 49 -1.31 -14.69 1.33
C THR B 49 -2.00 -15.95 1.74
N ARG B 50 -3.29 -15.98 1.51
CA ARG B 50 -4.03 -17.20 1.70
C ARG B 50 -4.71 -17.64 0.41
N TYR B 51 -4.43 -18.87 -0.01
CA TYR B 51 -4.90 -19.36 -1.30
C TYR B 51 -6.17 -20.16 -1.13
N LEU B 52 -7.22 -19.71 -1.79
CA LEU B 52 -8.51 -20.43 -1.77
C LEU B 52 -8.81 -21.23 -3.06
N SER B 53 -9.41 -22.40 -2.89
CA SER B 53 -9.64 -23.35 -4.00
C SER B 53 -10.99 -23.95 -4.08
N SER B 54 -11.83 -23.79 -3.05
CA SER B 54 -13.15 -24.40 -3.06
C SER B 54 -14.23 -23.36 -3.38
N GLN B 55 -15.29 -23.83 -4.03
CA GLN B 55 -16.49 -23.01 -4.31
C GLN B 55 -17.10 -22.47 -3.03
N ARG B 56 -17.07 -23.25 -1.94
N ARG B 56 -17.10 -23.24 -1.96
CA ARG B 56 -17.71 -22.80 -0.66
CA ARG B 56 -17.76 -22.76 -0.76
C ARG B 56 -16.99 -21.62 -0.02
C ARG B 56 -17.00 -21.59 -0.10
N LEU B 57 -15.67 -21.62 -0.09
CA LEU B 57 -14.93 -20.48 0.43
C LEU B 57 -14.85 -19.32 -0.53
N ILE B 58 -14.77 -19.59 -1.82
CA ILE B 58 -14.63 -18.52 -2.79
C ILE B 58 -15.95 -17.73 -2.92
N LYS B 59 -17.07 -18.41 -2.80
CA LYS B 59 -18.39 -17.77 -2.72
C LYS B 59 -18.41 -16.70 -1.59
N GLU B 60 -17.86 -17.02 -0.41
CA GLU B 60 -17.72 -16.04 0.67
C GLU B 60 -16.78 -14.95 0.35
N ALA B 61 -15.58 -15.31 -0.16
CA ALA B 61 -14.62 -14.28 -0.50
C ALA B 61 -15.18 -13.26 -1.55
N CYS B 62 -16.13 -13.71 -2.40
CA CYS B 62 -16.77 -12.90 -3.43
C CYS B 62 -17.90 -11.97 -2.93
N ASP B 63 -18.10 -11.94 -1.63
CA ASP B 63 -19.00 -11.01 -0.93
C ASP B 63 -18.31 -9.63 -0.81
N GLU B 64 -18.72 -8.77 -1.69
CA GLU B 64 -18.10 -7.45 -1.80
C GLU B 64 -18.37 -6.54 -0.62
N SER B 65 -19.30 -6.94 0.25
CA SER B 65 -19.49 -6.12 1.48
C SER B 65 -18.34 -6.39 2.46
N ARG B 66 -17.64 -7.54 2.30
CA ARG B 66 -16.57 -7.98 3.23
C ARG B 66 -15.13 -7.97 2.67
N PHE B 67 -15.02 -8.11 1.33
CA PHE B 67 -13.76 -8.24 0.63
C PHE B 67 -13.78 -7.39 -0.64
N ASP B 68 -12.72 -6.63 -0.83
CA ASP B 68 -12.52 -5.95 -2.09
C ASP B 68 -11.38 -6.46 -2.88
N LYS B 69 -11.28 -6.02 -4.11
CA LYS B 69 -10.12 -6.34 -4.97
C LYS B 69 -8.85 -5.80 -4.39
N ASN B 70 -7.84 -6.67 -4.33
CA ASN B 70 -6.55 -6.34 -3.94
C ASN B 70 -5.68 -6.35 -5.18
N LEU B 71 -4.69 -5.48 -5.18
CA LEU B 71 -3.66 -5.54 -6.21
C LEU B 71 -2.59 -6.52 -5.71
N SER B 72 -2.47 -7.64 -6.38
CA SER B 72 -1.43 -8.62 -6.03
C SER B 72 -0.05 -8.07 -6.36
N GLN B 73 1.00 -8.81 -6.02
CA GLN B 73 2.39 -8.42 -6.32
C GLN B 73 2.54 -8.07 -7.78
N ALA B 74 2.02 -8.93 -8.65
CA ALA B 74 2.15 -8.75 -10.13
C ALA B 74 1.41 -7.51 -10.61
N LEU B 75 0.19 -7.29 -10.09
CA LEU B 75 -0.55 -6.05 -10.48
C LEU B 75 0.15 -4.79 -9.97
N LYS B 76 0.75 -4.86 -8.78
CA LYS B 76 1.48 -3.67 -8.25
C LYS B 76 2.67 -3.38 -9.13
N PHE B 77 3.34 -4.43 -9.57
N PHE B 77 3.37 -4.43 -9.55
CA PHE B 77 4.49 -4.24 -10.42
CA PHE B 77 4.53 -4.27 -10.44
C PHE B 77 4.05 -3.62 -11.77
C PHE B 77 4.06 -3.65 -11.77
N VAL B 78 2.97 -4.16 -12.33
CA VAL B 78 2.43 -3.67 -13.61
C VAL B 78 1.80 -2.26 -13.58
N ARG B 79 1.36 -1.86 -12.41
CA ARG B 79 0.90 -0.48 -12.16
C ARG B 79 1.96 0.54 -12.50
N ASP B 80 3.25 0.14 -12.48
CA ASP B 80 4.31 1.06 -12.99
C ASP B 80 4.08 1.50 -14.40
N PHE B 81 3.44 0.65 -15.22
CA PHE B 81 3.19 0.95 -16.65
C PHE B 81 1.73 1.30 -16.93
N PHE B 82 0.82 0.59 -16.26
CA PHE B 82 -0.62 0.79 -16.48
C PHE B 82 -1.28 1.79 -15.52
N GLY B 83 -0.50 2.27 -14.54
CA GLY B 83 -0.95 3.33 -13.63
C GLY B 83 -2.29 3.06 -12.97
N ASP B 84 -3.18 4.03 -13.06
CA ASP B 84 -4.47 3.84 -12.48
C ASP B 84 -5.52 3.62 -13.61
N GLY B 85 -5.08 2.92 -14.65
CA GLY B 85 -6.01 2.24 -15.59
C GLY B 85 -6.97 1.28 -14.92
N LEU B 86 -7.99 0.79 -15.65
CA LEU B 86 -9.04 0.02 -14.97
C LEU B 86 -8.60 -1.20 -14.23
N VAL B 87 -7.61 -1.93 -14.77
CA VAL B 87 -7.11 -3.16 -14.10
C VAL B 87 -6.27 -2.98 -12.85
N THR B 88 -5.45 -1.92 -12.87
CA THR B 88 -4.48 -1.70 -11.84
C THR B 88 -4.89 -0.61 -10.81
N SER B 89 -6.14 -0.21 -10.83
CA SER B 89 -6.63 0.75 -9.82
C SER B 89 -7.39 0.04 -8.68
N TRP B 90 -7.40 0.66 -7.54
CA TRP B 90 -8.13 0.17 -6.42
C TRP B 90 -9.58 0.58 -6.58
N THR B 91 -10.49 -0.25 -6.06
CA THR B 91 -11.94 0.03 -6.21
C THR B 91 -12.27 1.43 -5.59
N HIS B 92 -11.53 1.82 -4.54
CA HIS B 92 -11.77 3.12 -3.77
C HIS B 92 -11.04 4.34 -4.40
N GLU B 93 -10.22 4.13 -5.44
CA GLU B 93 -9.68 5.23 -6.23
C GLU B 93 -10.74 5.85 -7.06
N LYS B 94 -10.86 7.21 -6.98
CA LYS B 94 -11.86 7.88 -7.78
C LYS B 94 -11.80 7.56 -9.29
N ASN B 95 -10.59 7.42 -9.82
CA ASN B 95 -10.44 7.08 -11.24
C ASN B 95 -10.87 5.67 -11.62
N TRP B 96 -11.07 4.78 -10.67
CA TRP B 96 -11.63 3.42 -11.02
C TRP B 96 -13.09 3.63 -11.50
N LYS B 97 -13.91 4.18 -10.65
CA LYS B 97 -15.34 4.25 -10.92
C LYS B 97 -15.62 5.18 -12.09
N LYS B 98 -14.84 6.27 -12.18
CA LYS B 98 -15.02 7.23 -13.26
C LYS B 98 -14.73 6.55 -14.61
N ALA B 99 -13.59 5.87 -14.75
CA ALA B 99 -13.32 5.20 -15.99
C ALA B 99 -14.26 4.07 -16.26
N HIS B 100 -14.68 3.38 -15.21
CA HIS B 100 -15.71 2.34 -15.36
C HIS B 100 -16.96 2.89 -16.02
N ASN B 101 -17.45 4.01 -15.49
CA ASN B 101 -18.71 4.60 -15.99
C ASN B 101 -18.57 5.12 -17.43
N ILE B 102 -17.42 5.74 -17.77
CA ILE B 102 -17.16 6.28 -19.10
C ILE B 102 -16.96 5.18 -20.16
N LEU B 103 -16.35 4.04 -19.78
CA LEU B 103 -15.97 3.01 -20.76
C LEU B 103 -16.92 1.84 -20.89
N LEU B 104 -17.72 1.58 -19.88
CA LEU B 104 -18.74 0.55 -19.95
C LEU B 104 -19.62 0.56 -21.23
N PRO B 105 -20.08 1.75 -21.68
CA PRO B 105 -20.86 1.86 -22.94
C PRO B 105 -20.12 1.31 -24.21
N SER B 106 -18.78 1.26 -24.18
CA SER B 106 -18.02 0.69 -25.25
C SER B 106 -18.14 -0.88 -25.32
N PHE B 107 -18.76 -1.49 -24.32
CA PHE B 107 -19.01 -2.95 -24.30
C PHE B 107 -20.55 -3.27 -24.28
N SER B 108 -21.41 -2.33 -24.68
CA SER B 108 -22.87 -2.63 -24.87
C SER B 108 -23.10 -3.47 -26.10
N GLN B 109 -24.33 -3.95 -26.26
CA GLN B 109 -24.73 -4.80 -27.39
C GLN B 109 -24.58 -4.04 -28.66
N GLN B 110 -25.08 -2.83 -28.62
CA GLN B 110 -24.94 -1.92 -29.70
C GLN B 110 -23.44 -1.78 -30.10
N ALA B 111 -22.55 -1.61 -29.12
CA ALA B 111 -21.13 -1.47 -29.44
C ALA B 111 -20.60 -2.82 -30.08
N MET B 112 -21.04 -3.93 -29.55
CA MET B 112 -20.57 -5.24 -30.01
C MET B 112 -20.98 -5.50 -31.44
N LYS B 113 -22.23 -5.13 -31.77
CA LYS B 113 -22.72 -5.26 -33.16
C LYS B 113 -21.87 -4.44 -34.07
N GLY B 114 -21.44 -3.27 -33.57
CA GLY B 114 -20.58 -2.39 -34.34
C GLY B 114 -19.12 -2.84 -34.49
N TYR B 115 -18.65 -3.68 -33.58
CA TYR B 115 -17.30 -4.23 -33.66
C TYR B 115 -17.22 -5.44 -34.58
N HIS B 116 -18.36 -6.14 -34.74
CA HIS B 116 -18.38 -7.39 -35.50
C HIS B 116 -17.66 -7.36 -36.87
N ALA B 117 -17.94 -6.37 -37.70
CA ALA B 117 -17.32 -6.29 -39.03
C ALA B 117 -15.82 -6.22 -38.98
N MET B 118 -15.28 -5.43 -38.04
CA MET B 118 -13.87 -5.32 -37.91
C MET B 118 -13.25 -6.60 -37.30
N MET B 119 -13.97 -7.30 -36.45
CA MET B 119 -13.51 -8.64 -36.00
C MET B 119 -13.43 -9.61 -37.20
N VAL B 120 -14.41 -9.54 -38.07
CA VAL B 120 -14.38 -10.33 -39.35
C VAL B 120 -13.21 -10.02 -40.24
N ASP B 121 -12.87 -8.74 -40.39
CA ASP B 121 -11.72 -8.32 -41.14
C ASP B 121 -10.46 -9.10 -40.69
N ILE B 122 -10.23 -9.14 -39.38
CA ILE B 122 -8.96 -9.73 -38.89
C ILE B 122 -9.07 -11.28 -39.02
N ALA B 123 -10.24 -11.79 -38.72
CA ALA B 123 -10.52 -13.25 -38.84
C ALA B 123 -10.23 -13.78 -40.23
N VAL B 124 -10.63 -13.02 -41.25
CA VAL B 124 -10.35 -13.36 -42.64
C VAL B 124 -8.88 -13.37 -42.96
N GLN B 125 -8.09 -12.44 -42.39
CA GLN B 125 -6.69 -12.45 -42.58
C GLN B 125 -6.05 -13.71 -42.00
N LEU B 126 -6.52 -14.14 -40.83
CA LEU B 126 -6.01 -15.39 -40.25
C LEU B 126 -6.34 -16.60 -41.14
N VAL B 127 -7.56 -16.68 -41.58
CA VAL B 127 -7.95 -17.84 -42.46
C VAL B 127 -7.13 -17.83 -43.73
N GLN B 128 -7.01 -16.63 -44.35
CA GLN B 128 -6.21 -16.50 -45.57
C GLN B 128 -4.70 -16.87 -45.38
N LYS B 129 -4.13 -16.46 -44.27
CA LYS B 129 -2.75 -16.88 -43.98
C LYS B 129 -2.64 -18.42 -44.03
N TRP B 130 -3.58 -19.10 -43.37
CA TRP B 130 -3.52 -20.58 -43.28
C TRP B 130 -3.87 -21.27 -44.58
N GLU B 131 -4.74 -20.65 -45.36
CA GLU B 131 -5.04 -21.14 -46.73
C GLU B 131 -3.83 -21.08 -47.61
N ARG B 132 -2.87 -20.18 -47.32
CA ARG B 132 -1.78 -19.90 -48.18
C ARG B 132 -0.51 -20.64 -47.81
N LEU B 133 -0.54 -21.43 -46.76
CA LEU B 133 0.66 -22.17 -46.38
C LEU B 133 0.85 -23.35 -47.35
N ASN B 134 2.07 -23.73 -47.58
CA ASN B 134 2.42 -24.85 -48.46
C ASN B 134 2.29 -26.17 -47.68
N ALA B 135 2.25 -27.29 -48.39
CA ALA B 135 2.01 -28.60 -47.76
C ALA B 135 3.06 -28.94 -46.69
N ASP B 136 4.28 -28.53 -46.90
CA ASP B 136 5.32 -28.91 -45.97
C ASP B 136 5.35 -28.07 -44.67
N GLU B 137 4.44 -27.11 -44.55
CA GLU B 137 4.52 -26.11 -43.47
C GLU B 137 3.55 -26.41 -42.30
N HIS B 138 3.61 -25.62 -41.21
CA HIS B 138 2.74 -25.83 -40.10
C HIS B 138 2.42 -24.45 -39.52
N ILE B 139 1.50 -24.46 -38.61
CA ILE B 139 1.01 -23.29 -37.86
C ILE B 139 1.57 -23.26 -36.45
N GLU B 140 2.08 -22.08 -36.04
CA GLU B 140 2.49 -21.82 -34.69
C GLU B 140 1.30 -21.19 -34.03
N VAL B 141 0.59 -21.93 -33.19
CA VAL B 141 -0.82 -21.58 -32.86
C VAL B 141 -0.85 -20.32 -31.95
N PRO B 142 -0.14 -20.32 -30.81
CA PRO B 142 -0.29 -19.08 -29.98
C PRO B 142 0.23 -17.81 -30.63
N GLU B 143 1.24 -17.97 -31.46
CA GLU B 143 1.80 -16.85 -32.23
C GLU B 143 0.75 -16.24 -33.15
N ASP B 144 0.02 -17.07 -33.89
CA ASP B 144 -0.96 -16.60 -34.80
C ASP B 144 -2.21 -16.11 -34.08
N MET B 145 -2.59 -16.72 -32.95
CA MET B 145 -3.71 -16.24 -32.16
C MET B 145 -3.42 -14.83 -31.56
N THR B 146 -2.19 -14.59 -31.18
CA THR B 146 -1.73 -13.25 -30.73
C THR B 146 -1.74 -12.19 -31.85
N ARG B 147 -1.35 -12.55 -33.06
CA ARG B 147 -1.47 -11.70 -34.18
C ARG B 147 -2.92 -11.27 -34.31
N LEU B 148 -3.82 -12.26 -34.29
CA LEU B 148 -5.21 -12.00 -34.48
C LEU B 148 -5.88 -11.15 -33.35
N THR B 149 -5.61 -11.51 -32.12
CA THR B 149 -6.17 -10.81 -30.97
C THR B 149 -5.63 -9.39 -30.84
N LEU B 150 -4.34 -9.23 -31.02
CA LEU B 150 -3.75 -7.86 -30.99
C LEU B 150 -4.35 -6.97 -32.10
N ASP B 151 -4.47 -7.50 -33.32
CA ASP B 151 -4.97 -6.68 -34.39
C ASP B 151 -6.42 -6.34 -34.15
N THR B 152 -7.15 -7.25 -33.55
CA THR B 152 -8.60 -7.10 -33.31
C THR B 152 -8.87 -5.94 -32.29
N ILE B 153 -8.13 -5.91 -31.21
CA ILE B 153 -8.34 -4.84 -30.18
C ILE B 153 -7.85 -3.50 -30.78
N GLY B 154 -6.74 -3.55 -31.54
CA GLY B 154 -6.18 -2.35 -32.23
C GLY B 154 -7.20 -1.72 -33.13
N LEU B 155 -7.82 -2.55 -33.94
CA LEU B 155 -8.76 -2.05 -34.90
C LEU B 155 -10.12 -1.68 -34.31
N CYS B 156 -10.69 -2.60 -33.56
CA CYS B 156 -11.99 -2.41 -32.95
C CYS B 156 -11.99 -1.25 -31.91
N GLY B 157 -10.91 -1.14 -31.16
CA GLY B 157 -10.88 -0.23 -30.07
C GLY B 157 -10.37 1.16 -30.49
N PHE B 158 -9.47 1.22 -31.47
CA PHE B 158 -8.65 2.42 -31.73
C PHE B 158 -8.58 2.85 -33.20
N ASN B 159 -9.26 2.09 -34.06
CA ASN B 159 -9.09 2.13 -35.49
C ASN B 159 -7.63 2.19 -35.92
N TYR B 160 -6.78 1.38 -35.32
CA TYR B 160 -5.36 1.37 -35.63
C TYR B 160 -5.00 -0.04 -36.11
N ARG B 161 -4.20 -0.12 -37.17
CA ARG B 161 -3.83 -1.44 -37.71
C ARG B 161 -2.45 -1.79 -37.36
N PHE B 162 -2.30 -2.79 -36.49
CA PHE B 162 -0.97 -3.30 -36.16
C PHE B 162 -0.39 -4.07 -37.32
N ASN B 163 -1.26 -4.55 -38.20
CA ASN B 163 -0.77 -5.35 -39.35
C ASN B 163 0.18 -6.45 -38.94
N SER B 164 -0.20 -7.17 -37.88
CA SER B 164 0.58 -8.34 -37.39
C SER B 164 0.79 -9.50 -38.39
N PHE B 165 -0.18 -9.71 -39.27
CA PHE B 165 -0.05 -10.73 -40.34
C PHE B 165 0.91 -10.38 -41.47
N TYR B 166 1.47 -9.17 -41.47
CA TYR B 166 2.44 -8.75 -42.43
C TYR B 166 3.82 -8.87 -41.82
N ARG B 167 3.94 -9.42 -40.59
CA ARG B 167 5.25 -9.59 -39.95
C ARG B 167 5.44 -10.99 -39.54
N ASP B 168 6.68 -11.42 -39.60
CA ASP B 168 7.10 -12.75 -39.34
C ASP B 168 7.49 -12.88 -37.88
N GLN B 169 7.53 -11.76 -37.17
CA GLN B 169 7.71 -11.74 -35.74
C GLN B 169 6.77 -10.72 -35.06
N PRO B 170 6.74 -10.67 -33.72
CA PRO B 170 5.74 -9.81 -33.05
C PRO B 170 5.87 -8.36 -33.36
N HIS B 171 4.75 -7.65 -33.37
CA HIS B 171 4.82 -6.24 -33.54
C HIS B 171 5.82 -5.68 -32.50
N PRO B 172 6.61 -4.68 -32.88
CA PRO B 172 7.56 -4.08 -31.92
C PRO B 172 6.93 -3.62 -30.59
N PHE B 173 5.68 -3.16 -30.64
CA PHE B 173 4.95 -2.78 -29.43
C PHE B 173 4.88 -3.92 -28.43
N ILE B 174 4.58 -5.11 -28.90
CA ILE B 174 4.52 -6.29 -28.06
C ILE B 174 5.92 -6.59 -27.51
N THR B 175 6.91 -6.71 -28.41
CA THR B 175 8.25 -7.10 -27.93
C THR B 175 8.75 -6.01 -26.96
N SER B 176 8.57 -4.72 -27.23
CA SER B 176 8.97 -3.69 -26.27
C SER B 176 8.24 -3.81 -24.93
N MET B 177 6.94 -4.10 -24.95
CA MET B 177 6.18 -4.33 -23.70
C MET B 177 6.84 -5.44 -22.91
N VAL B 178 6.97 -6.58 -23.56
CA VAL B 178 7.45 -7.79 -22.88
C VAL B 178 8.85 -7.59 -22.25
N ARG B 179 9.73 -6.91 -22.98
CA ARG B 179 11.08 -6.56 -22.50
C ARG B 179 11.14 -5.42 -21.47
N ALA B 180 10.31 -4.41 -21.63
CA ALA B 180 10.13 -3.41 -20.60
C ALA B 180 9.68 -4.13 -19.31
N LEU B 181 8.72 -5.03 -19.39
CA LEU B 181 8.34 -5.77 -18.19
C LEU B 181 9.46 -6.66 -17.63
N ASP B 182 10.23 -7.32 -18.50
CA ASP B 182 11.32 -8.16 -17.98
C ASP B 182 12.45 -7.35 -17.34
N GLU B 183 12.87 -6.23 -17.96
CA GLU B 183 13.95 -5.36 -17.42
C GLU B 183 13.55 -4.98 -16.00
N ALA B 184 12.27 -4.64 -15.85
CA ALA B 184 11.74 -4.23 -14.56
C ALA B 184 11.78 -5.39 -13.56
N MET B 185 11.43 -6.60 -13.99
CA MET B 185 11.37 -7.75 -13.06
C MET B 185 12.76 -8.23 -12.60
N ASN B 186 13.77 -8.13 -13.48
CA ASN B 186 15.17 -8.54 -13.17
C ASN B 186 16.10 -7.39 -12.76
N LYS B 187 15.49 -6.29 -12.32
CA LYS B 187 16.22 -5.16 -11.75
C LYS B 187 16.30 -5.30 -10.19
N LEU B 188 16.18 -6.54 -9.69
CA LEU B 188 16.85 -6.92 -8.42
C LEU B 188 18.35 -7.22 -8.71
N GLN B 189 19.05 -6.23 -9.30
CA GLN B 189 20.41 -6.35 -9.83
C GLN B 189 21.52 -6.31 -8.73
N LYS B 202 19.61 -2.05 -19.32
CA LYS B 202 19.76 -0.73 -18.68
C LYS B 202 19.41 0.54 -19.51
N ARG B 203 19.36 0.42 -20.84
CA ARG B 203 19.07 1.56 -21.77
C ARG B 203 18.20 1.11 -22.95
N GLN B 204 18.17 -0.21 -23.09
CA GLN B 204 17.21 -0.92 -23.85
C GLN B 204 15.83 -0.54 -23.29
N PHE B 205 15.73 -0.51 -21.96
CA PHE B 205 14.53 -0.06 -21.26
C PHE B 205 13.99 1.27 -21.77
N GLN B 206 14.85 2.27 -21.89
CA GLN B 206 14.42 3.61 -22.34
C GLN B 206 13.85 3.64 -23.77
N GLU B 207 14.51 2.90 -24.67
CA GLU B 207 14.02 2.73 -26.02
C GLU B 207 12.65 2.02 -26.02
N ASP B 208 12.49 1.02 -25.15
CA ASP B 208 11.21 0.27 -25.06
C ASP B 208 10.08 1.18 -24.59
N ILE B 209 10.35 1.99 -23.58
CA ILE B 209 9.39 2.96 -23.12
C ILE B 209 9.05 3.93 -24.24
N LYS B 210 10.06 4.39 -24.97
CA LYS B 210 9.82 5.35 -26.06
C LYS B 210 8.96 4.74 -27.17
N VAL B 211 9.16 3.47 -27.50
CA VAL B 211 8.33 2.78 -28.47
C VAL B 211 6.86 2.74 -28.00
N MET B 212 6.65 2.47 -26.72
CA MET B 212 5.26 2.47 -26.17
C MET B 212 4.65 3.83 -26.21
N ASN B 213 5.40 4.85 -25.81
CA ASN B 213 4.87 6.19 -25.77
C ASN B 213 4.57 6.74 -27.16
N ASP B 214 5.40 6.41 -28.13
CA ASP B 214 5.17 6.87 -29.53
C ASP B 214 3.93 6.22 -30.08
N LEU B 215 3.75 4.93 -29.75
CA LEU B 215 2.57 4.25 -30.29
C LEU B 215 1.33 4.90 -29.71
N VAL B 216 1.30 5.12 -28.41
CA VAL B 216 0.15 5.77 -27.85
C VAL B 216 -0.06 7.15 -28.45
N ASP B 217 1.03 7.91 -28.60
CA ASP B 217 0.99 9.25 -29.26
C ASP B 217 0.40 9.16 -30.66
N LYS B 218 0.86 8.18 -31.42
CA LYS B 218 0.39 7.96 -32.77
C LYS B 218 -1.08 7.60 -32.82
N ILE B 219 -1.53 6.75 -31.88
CA ILE B 219 -2.92 6.38 -31.87
C ILE B 219 -3.75 7.62 -31.65
N ILE B 220 -3.34 8.44 -30.68
CA ILE B 220 -4.09 9.65 -30.37
C ILE B 220 -3.99 10.69 -31.55
N ALA B 221 -2.78 10.88 -32.09
CA ALA B 221 -2.55 11.82 -33.24
C ALA B 221 -3.36 11.42 -34.46
N ASP B 222 -3.35 10.14 -34.83
CA ASP B 222 -4.17 9.66 -35.96
C ASP B 222 -5.60 9.94 -35.73
N ARG B 223 -6.08 9.77 -34.50
CA ARG B 223 -7.49 9.97 -34.30
C ARG B 223 -7.84 11.46 -34.50
N LYS B 224 -7.03 12.36 -33.96
CA LYS B 224 -7.39 13.79 -34.06
C LYS B 224 -7.35 14.28 -35.52
N ALA B 225 -6.38 13.80 -36.27
CA ALA B 225 -6.26 14.06 -37.72
C ALA B 225 -7.35 13.42 -38.58
N SER B 226 -8.18 12.57 -38.02
CA SER B 226 -9.05 11.74 -38.84
C SER B 226 -10.25 12.55 -39.31
N GLY B 227 -10.70 12.31 -40.54
CA GLY B 227 -11.92 12.92 -41.06
C GLY B 227 -13.12 12.02 -40.83
N GLU B 228 -12.86 10.77 -40.49
CA GLU B 228 -13.91 9.78 -40.32
C GLU B 228 -14.49 9.86 -38.89
N GLN B 229 -15.75 9.43 -38.75
CA GLN B 229 -16.40 9.18 -37.46
C GLN B 229 -16.23 7.72 -37.01
N SER B 230 -15.49 7.47 -35.93
CA SER B 230 -15.21 6.10 -35.50
C SER B 230 -16.20 5.47 -34.47
N ASP B 231 -16.76 6.30 -33.58
CA ASP B 231 -17.51 5.85 -32.40
C ASP B 231 -17.09 4.48 -31.79
N ASP B 232 -15.88 4.46 -31.22
CA ASP B 232 -15.30 3.26 -30.65
C ASP B 232 -14.80 3.50 -29.20
N LEU B 233 -14.11 2.54 -28.63
CA LEU B 233 -13.51 2.74 -27.34
C LEU B 233 -12.68 4.06 -27.16
N LEU B 234 -11.76 4.34 -28.09
CA LEU B 234 -10.96 5.55 -28.03
C LEU B 234 -11.87 6.82 -28.05
N THR B 235 -12.95 6.79 -28.80
CA THR B 235 -13.89 7.89 -28.82
C THR B 235 -14.30 8.18 -27.35
N HIS B 236 -14.72 7.12 -26.64
CA HIS B 236 -15.27 7.31 -25.28
C HIS B 236 -14.19 7.76 -24.35
N MET B 237 -12.97 7.22 -24.53
CA MET B 237 -11.90 7.67 -23.74
C MET B 237 -11.69 9.19 -23.82
N LEU B 238 -11.71 9.70 -25.03
CA LEU B 238 -11.29 11.10 -25.28
C LEU B 238 -12.39 12.11 -25.00
N ASN B 239 -13.64 11.71 -25.17
CA ASN B 239 -14.84 12.55 -25.13
C ASN B 239 -15.90 12.22 -24.04
N GLY B 240 -15.85 11.03 -23.46
CA GLY B 240 -16.87 10.64 -22.53
C GLY B 240 -16.76 11.37 -21.19
N LYS B 241 -17.91 11.54 -20.58
CA LYS B 241 -18.03 12.19 -19.30
C LYS B 241 -18.67 11.19 -18.35
N ASP B 242 -18.12 11.07 -17.15
CA ASP B 242 -18.77 10.30 -16.10
C ASP B 242 -20.13 10.94 -15.77
N PRO B 243 -21.23 10.18 -15.89
CA PRO B 243 -22.50 10.81 -15.58
C PRO B 243 -22.64 11.12 -14.11
N GLU B 244 -21.91 10.45 -13.22
CA GLU B 244 -22.04 10.77 -11.78
C GLU B 244 -21.43 12.13 -11.45
N THR B 245 -20.47 12.60 -12.23
CA THR B 245 -19.70 13.79 -11.85
C THR B 245 -19.56 14.83 -12.93
N GLY B 246 -19.91 14.44 -14.15
CA GLY B 246 -19.60 15.24 -15.32
C GLY B 246 -18.13 15.27 -15.72
N GLU B 247 -17.21 14.66 -14.96
CA GLU B 247 -15.81 14.83 -15.33
C GLU B 247 -15.42 13.86 -16.48
N PRO B 248 -14.53 14.30 -17.40
CA PRO B 248 -13.98 13.37 -18.38
C PRO B 248 -12.73 12.76 -17.85
N LEU B 249 -12.13 11.80 -18.54
CA LEU B 249 -10.83 11.33 -18.09
C LEU B 249 -9.76 12.41 -18.38
N ASP B 250 -8.78 12.51 -17.53
CA ASP B 250 -7.67 13.41 -17.83
C ASP B 250 -6.69 12.73 -18.74
N ASP B 251 -5.71 13.50 -19.23
CA ASP B 251 -4.81 13.07 -20.32
C ASP B 251 -3.91 11.94 -19.90
N GLU B 252 -3.39 12.01 -18.68
CA GLU B 252 -2.49 10.98 -18.16
C GLU B 252 -3.31 9.64 -18.02
N ASN B 253 -4.52 9.72 -17.45
CA ASN B 253 -5.32 8.51 -17.29
C ASN B 253 -5.66 7.90 -18.63
N ILE B 254 -5.99 8.73 -19.64
CA ILE B 254 -6.23 8.23 -20.97
C ILE B 254 -5.09 7.35 -21.51
N ARG B 255 -3.87 7.82 -21.40
CA ARG B 255 -2.72 7.11 -21.87
C ARG B 255 -2.61 5.75 -21.16
N TYR B 256 -2.91 5.74 -19.84
CA TYR B 256 -2.95 4.48 -19.12
C TYR B 256 -4.01 3.51 -19.63
N GLN B 257 -5.19 4.02 -19.92
CA GLN B 257 -6.25 3.20 -20.45
C GLN B 257 -5.93 2.63 -21.80
N ILE B 258 -5.30 3.43 -22.68
CA ILE B 258 -4.94 2.92 -24.00
C ILE B 258 -4.02 1.73 -23.90
N ILE B 259 -3.00 1.88 -23.09
CA ILE B 259 -1.96 0.81 -22.88
C ILE B 259 -2.59 -0.45 -22.22
N THR B 260 -3.46 -0.20 -21.23
CA THR B 260 -4.23 -1.18 -20.53
C THR B 260 -5.08 -2.03 -21.46
N PHE B 261 -5.91 -1.37 -22.25
CA PHE B 261 -6.75 -2.06 -23.17
C PHE B 261 -5.98 -2.74 -24.33
N LEU B 262 -4.88 -2.19 -24.82
CA LEU B 262 -4.17 -2.84 -25.92
C LEU B 262 -3.65 -4.20 -25.42
N ILE B 263 -3.18 -4.25 -24.19
CA ILE B 263 -2.58 -5.44 -23.62
C ILE B 263 -3.62 -6.36 -23.09
N ALA B 264 -4.39 -5.92 -22.11
CA ALA B 264 -5.45 -6.76 -21.55
C ALA B 264 -6.38 -7.23 -22.59
N GLY B 265 -6.58 -6.38 -23.61
CA GLY B 265 -7.53 -6.68 -24.66
C GLY B 265 -7.15 -7.78 -25.66
N HIS B 266 -5.95 -8.33 -25.53
CA HIS B 266 -5.52 -9.39 -26.45
C HIS B 266 -4.84 -10.63 -25.83
N GLU B 267 -4.13 -10.50 -24.72
CA GLU B 267 -3.27 -11.69 -24.28
C GLU B 267 -4.11 -12.87 -23.81
N THR B 268 -5.07 -12.63 -22.93
CA THR B 268 -5.87 -13.72 -22.38
C THR B 268 -6.74 -14.34 -23.43
N THR B 269 -7.17 -13.56 -24.41
CA THR B 269 -7.99 -14.11 -25.50
C THR B 269 -7.18 -15.00 -26.47
N SER B 270 -5.95 -14.63 -26.72
CA SER B 270 -5.03 -15.47 -27.50
CA SER B 270 -5.00 -15.45 -27.49
C SER B 270 -4.78 -16.80 -26.80
N GLY B 271 -4.55 -16.75 -25.51
CA GLY B 271 -4.42 -17.95 -24.67
C GLY B 271 -5.60 -18.88 -24.74
N LEU B 272 -6.81 -18.30 -24.65
CA LEU B 272 -8.01 -19.05 -24.77
C LEU B 272 -8.14 -19.77 -26.09
N LEU B 273 -7.96 -19.05 -27.21
CA LEU B 273 -8.08 -19.64 -28.53
C LEU B 273 -7.06 -20.81 -28.67
N SER B 274 -5.87 -20.59 -28.18
CA SER B 274 -4.81 -21.63 -28.23
C SER B 274 -5.14 -22.89 -27.42
N PHE B 275 -5.64 -22.72 -26.18
CA PHE B 275 -6.08 -23.85 -25.39
C PHE B 275 -7.27 -24.56 -25.98
N ALA B 276 -8.24 -23.82 -26.53
CA ALA B 276 -9.35 -24.40 -27.18
C ALA B 276 -8.97 -25.29 -28.37
N LEU B 277 -8.08 -24.83 -29.23
CA LEU B 277 -7.61 -25.65 -30.33
C LEU B 277 -6.81 -26.86 -29.86
N TYR B 278 -5.99 -26.67 -28.85
CA TYR B 278 -5.31 -27.82 -28.19
C TYR B 278 -6.28 -28.92 -27.74
N PHE B 279 -7.33 -28.54 -27.01
CA PHE B 279 -8.26 -29.48 -26.49
C PHE B 279 -9.03 -30.13 -27.62
N LEU B 280 -9.39 -29.39 -28.65
CA LEU B 280 -10.02 -30.00 -29.79
C LEU B 280 -9.17 -31.08 -30.50
N VAL B 281 -7.90 -30.80 -30.79
CA VAL B 281 -7.08 -31.81 -31.51
C VAL B 281 -6.78 -33.01 -30.63
N LYS B 282 -6.81 -32.87 -29.31
CA LYS B 282 -6.65 -33.99 -28.38
C LYS B 282 -7.93 -34.81 -28.16
N ASN B 283 -9.08 -34.29 -28.61
CA ASN B 283 -10.41 -34.91 -28.41
C ASN B 283 -11.18 -34.92 -29.69
N PRO B 284 -10.79 -35.82 -30.61
CA PRO B 284 -11.32 -35.78 -31.97
C PRO B 284 -12.83 -35.85 -32.09
N HIS B 285 -13.48 -36.54 -31.19
CA HIS B 285 -14.94 -36.61 -31.26
C HIS B 285 -15.59 -35.25 -30.88
N VAL B 286 -14.93 -34.50 -30.01
CA VAL B 286 -15.40 -33.13 -29.70
C VAL B 286 -15.23 -32.23 -30.90
N LEU B 287 -14.08 -32.34 -31.52
CA LEU B 287 -13.71 -31.58 -32.72
C LEU B 287 -14.78 -31.83 -33.80
N GLN B 288 -15.12 -33.09 -33.97
CA GLN B 288 -16.07 -33.45 -35.02
C GLN B 288 -17.42 -32.82 -34.80
N LYS B 289 -17.86 -32.83 -33.56
CA LYS B 289 -19.10 -32.20 -33.22
C LYS B 289 -19.13 -30.66 -33.39
N ALA B 290 -18.05 -30.01 -32.97
CA ALA B 290 -17.90 -28.55 -33.19
C ALA B 290 -17.88 -28.19 -34.66
N ALA B 291 -17.12 -28.97 -35.42
CA ALA B 291 -16.96 -28.75 -36.82
C ALA B 291 -18.31 -28.93 -37.57
N GLU B 292 -19.10 -29.93 -37.17
CA GLU B 292 -20.48 -30.11 -37.69
C GLU B 292 -21.31 -28.89 -37.41
N GLU B 293 -21.18 -28.32 -36.22
CA GLU B 293 -21.97 -27.12 -35.93
C GLU B 293 -21.54 -25.95 -36.81
N ALA B 294 -20.24 -25.75 -36.92
CA ALA B 294 -19.71 -24.61 -37.71
C ALA B 294 -20.22 -24.68 -39.16
N ALA B 295 -20.18 -25.87 -39.73
CA ALA B 295 -20.62 -26.08 -41.09
C ALA B 295 -22.13 -25.77 -41.27
N ARG B 296 -22.93 -26.25 -40.33
CA ARG B 296 -24.37 -26.10 -40.39
C ARG B 296 -24.82 -24.68 -40.13
N VAL B 297 -24.12 -23.96 -39.26
CA VAL B 297 -24.53 -22.62 -38.89
C VAL B 297 -23.92 -21.56 -39.79
N LEU B 298 -22.63 -21.71 -40.16
CA LEU B 298 -21.95 -20.65 -40.90
C LEU B 298 -22.15 -20.82 -42.40
N VAL B 299 -23.37 -20.51 -42.85
CA VAL B 299 -23.83 -20.83 -44.21
C VAL B 299 -23.43 -19.77 -45.22
N ASP B 300 -23.03 -18.59 -44.77
CA ASP B 300 -22.59 -17.52 -45.62
C ASP B 300 -21.08 -17.41 -45.74
N PRO B 301 -20.59 -16.66 -46.74
CA PRO B 301 -19.16 -16.62 -46.97
C PRO B 301 -18.43 -15.93 -45.84
N VAL B 302 -19.07 -14.99 -45.15
CA VAL B 302 -18.55 -14.59 -43.84
C VAL B 302 -19.65 -14.63 -42.83
N PRO B 303 -19.27 -14.72 -41.57
CA PRO B 303 -20.29 -14.85 -40.53
C PRO B 303 -20.97 -13.51 -40.14
N SER B 304 -22.28 -13.54 -39.92
CA SER B 304 -23.01 -12.41 -39.31
C SER B 304 -22.95 -12.45 -37.81
N TYR B 305 -23.40 -11.35 -37.19
CA TYR B 305 -23.39 -11.26 -35.76
C TYR B 305 -24.27 -12.33 -35.21
N LYS B 306 -25.44 -12.45 -35.81
CA LYS B 306 -26.37 -13.44 -35.35
C LYS B 306 -25.89 -14.89 -35.46
N GLN B 307 -25.27 -15.24 -36.56
CA GLN B 307 -24.72 -16.59 -36.71
C GLN B 307 -23.69 -16.98 -35.62
N VAL B 308 -22.89 -16.04 -35.16
CA VAL B 308 -21.92 -16.30 -34.14
C VAL B 308 -22.60 -16.64 -32.87
N LYS B 309 -23.68 -15.90 -32.55
CA LYS B 309 -24.55 -16.26 -31.41
C LYS B 309 -25.22 -17.65 -31.45
N GLN B 310 -25.34 -18.23 -32.61
CA GLN B 310 -25.95 -19.52 -32.76
C GLN B 310 -24.89 -20.64 -32.67
N LEU B 311 -23.59 -20.29 -32.52
CA LEU B 311 -22.57 -21.35 -32.41
C LEU B 311 -22.49 -21.75 -30.97
N LYS B 312 -23.50 -22.49 -30.54
CA LYS B 312 -23.68 -22.81 -29.14
C LYS B 312 -22.61 -23.79 -28.61
N TYR B 313 -22.36 -24.84 -29.36
CA TYR B 313 -21.34 -25.81 -28.95
C TYR B 313 -19.92 -25.21 -28.97
N VAL B 314 -19.64 -24.38 -29.97
CA VAL B 314 -18.42 -23.63 -29.99
C VAL B 314 -18.25 -22.84 -28.70
N GLY B 315 -19.30 -22.14 -28.27
CA GLY B 315 -19.31 -21.46 -27.02
C GLY B 315 -18.99 -22.36 -25.82
N MET B 316 -19.50 -23.58 -25.86
CA MET B 316 -19.31 -24.53 -24.77
C MET B 316 -17.88 -25.03 -24.77
N VAL B 317 -17.33 -25.25 -25.96
CA VAL B 317 -15.94 -25.58 -26.12
C VAL B 317 -15.06 -24.50 -25.42
N LEU B 318 -15.35 -23.24 -25.70
CA LEU B 318 -14.53 -22.17 -25.07
C LEU B 318 -14.65 -22.14 -23.56
N ASN B 319 -15.88 -22.26 -23.04
CA ASN B 319 -16.08 -22.28 -21.63
C ASN B 319 -15.36 -23.44 -20.94
N GLU B 320 -15.34 -24.58 -21.61
CA GLU B 320 -14.66 -25.72 -21.03
C GLU B 320 -13.13 -25.54 -21.08
N ALA B 321 -12.62 -24.88 -22.10
CA ALA B 321 -11.22 -24.48 -22.13
C ALA B 321 -10.87 -23.50 -21.01
N LEU B 322 -11.75 -22.54 -20.72
CA LEU B 322 -11.59 -21.65 -19.61
C LEU B 322 -11.79 -22.35 -18.22
N ARG B 323 -12.56 -23.45 -18.16
CA ARG B 323 -12.69 -24.16 -16.97
C ARG B 323 -11.33 -24.77 -16.63
N LEU B 324 -10.72 -25.45 -17.58
CA LEU B 324 -9.46 -26.16 -17.26
C LEU B 324 -8.28 -25.22 -17.12
N TRP B 325 -8.13 -24.24 -18.02
CA TRP B 325 -6.96 -23.31 -17.98
C TRP B 325 -7.39 -21.84 -18.16
N PRO B 326 -8.02 -21.28 -17.13
CA PRO B 326 -8.46 -19.89 -17.16
C PRO B 326 -7.23 -19.03 -17.37
N THR B 327 -7.20 -18.25 -18.44
CA THR B 327 -5.97 -17.66 -18.89
C THR B 327 -5.51 -16.45 -18.03
N ALA B 328 -6.37 -15.89 -17.19
CA ALA B 328 -5.95 -14.96 -16.09
C ALA B 328 -6.23 -15.77 -14.80
N PRO B 329 -5.28 -16.62 -14.38
CA PRO B 329 -5.66 -17.75 -13.46
C PRO B 329 -5.87 -17.40 -12.05
N ALA B 330 -5.60 -16.16 -11.61
CA ALA B 330 -5.75 -15.85 -10.18
C ALA B 330 -6.22 -14.40 -10.06
N PHE B 331 -7.04 -14.13 -9.05
CA PHE B 331 -7.30 -12.74 -8.62
C PHE B 331 -7.26 -12.63 -7.08
N SER B 332 -6.93 -11.44 -6.61
CA SER B 332 -6.64 -11.18 -5.25
C SER B 332 -7.70 -10.28 -4.59
N LEU B 333 -7.98 -10.58 -3.34
CA LEU B 333 -8.92 -9.84 -2.51
C LEU B 333 -8.28 -9.50 -1.15
N TYR B 334 -8.79 -8.47 -0.47
CA TYR B 334 -8.41 -8.21 0.89
C TYR B 334 -9.65 -8.01 1.79
N ALA B 335 -9.51 -8.37 3.05
CA ALA B 335 -10.52 -8.17 4.08
C ALA B 335 -10.74 -6.69 4.43
N LYS B 336 -11.93 -6.15 4.16
CA LYS B 336 -12.22 -4.74 4.43
C LYS B 336 -12.21 -4.44 5.93
N GLU B 337 -12.55 -5.42 6.75
CA GLU B 337 -12.56 -5.33 8.19
C GLU B 337 -12.19 -6.67 8.73
N ASP B 338 -11.93 -6.76 10.02
CA ASP B 338 -11.75 -8.05 10.73
C ASP B 338 -12.98 -8.88 10.47
N THR B 339 -12.80 -10.16 10.18
CA THR B 339 -13.95 -11.00 9.83
C THR B 339 -13.55 -12.48 9.98
N VAL B 340 -14.50 -13.40 9.87
CA VAL B 340 -14.24 -14.82 9.98
C VAL B 340 -14.67 -15.47 8.68
N LEU B 341 -13.76 -16.21 8.06
CA LEU B 341 -14.09 -16.89 6.82
C LEU B 341 -14.47 -18.30 7.10
N GLY B 342 -15.56 -18.74 6.50
CA GLY B 342 -16.00 -20.16 6.54
C GLY B 342 -16.34 -20.67 7.93
N GLY B 343 -16.71 -19.75 8.83
CA GLY B 343 -16.92 -20.03 10.24
C GLY B 343 -15.72 -20.53 11.00
N GLU B 344 -14.55 -20.53 10.39
CA GLU B 344 -13.37 -21.21 10.95
C GLU B 344 -12.08 -20.41 10.94
N TYR B 345 -11.92 -19.45 10.01
CA TYR B 345 -10.63 -18.78 9.83
C TYR B 345 -10.74 -17.29 10.05
N PRO B 346 -10.35 -16.82 11.24
CA PRO B 346 -10.35 -15.39 11.52
C PRO B 346 -9.38 -14.65 10.60
N LEU B 347 -9.80 -13.51 10.10
CA LEU B 347 -8.92 -12.66 9.30
C LEU B 347 -8.92 -11.28 9.91
N GLU B 348 -7.79 -10.61 9.81
CA GLU B 348 -7.72 -9.23 10.21
C GLU B 348 -7.89 -8.31 9.00
N LYS B 349 -8.39 -7.10 9.26
CA LYS B 349 -8.46 -6.04 8.28
C LYS B 349 -7.19 -6.01 7.50
N GLY B 350 -7.31 -6.07 6.16
CA GLY B 350 -6.16 -5.93 5.24
C GLY B 350 -5.58 -7.27 4.85
N ASP B 351 -5.91 -8.37 5.53
CA ASP B 351 -5.40 -9.69 5.08
C ASP B 351 -5.77 -10.00 3.63
N GLU B 352 -4.79 -10.55 2.90
CA GLU B 352 -4.88 -10.87 1.47
C GLU B 352 -5.30 -12.29 1.21
N LEU B 353 -6.22 -12.43 0.25
CA LEU B 353 -6.68 -13.76 -0.20
C LEU B 353 -6.44 -13.86 -1.71
N MET B 354 -6.11 -15.05 -2.20
CA MET B 354 -5.88 -15.24 -3.60
C MET B 354 -6.79 -16.36 -4.04
N VAL B 355 -7.61 -16.09 -5.04
CA VAL B 355 -8.49 -17.11 -5.59
C VAL B 355 -7.74 -17.84 -6.70
N LEU B 356 -7.56 -19.12 -6.48
CA LEU B 356 -6.87 -19.96 -7.46
C LEU B 356 -7.88 -20.56 -8.42
N ILE B 357 -8.09 -19.91 -9.56
CA ILE B 357 -9.25 -20.22 -10.39
C ILE B 357 -9.18 -21.64 -10.97
N PRO B 358 -8.00 -22.06 -11.47
CA PRO B 358 -8.00 -23.44 -12.00
C PRO B 358 -8.39 -24.50 -10.99
N GLN B 359 -8.15 -24.25 -9.72
CA GLN B 359 -8.42 -25.22 -8.62
C GLN B 359 -9.92 -25.14 -8.27
N LEU B 360 -10.48 -23.94 -8.23
CA LEU B 360 -11.95 -23.78 -8.11
C LEU B 360 -12.65 -24.65 -9.12
N HIS B 361 -12.16 -24.58 -10.37
CA HIS B 361 -12.78 -25.20 -11.50
C HIS B 361 -12.62 -26.73 -11.55
N ARG B 362 -11.92 -27.23 -10.55
CA ARG B 362 -11.64 -28.65 -10.35
C ARG B 362 -12.27 -29.09 -9.03
N ASP B 363 -13.20 -28.30 -8.48
CA ASP B 363 -13.84 -28.64 -7.20
C ASP B 363 -14.79 -29.80 -7.41
N LYS B 364 -14.45 -30.95 -6.90
CA LYS B 364 -15.22 -32.19 -7.22
C LYS B 364 -16.62 -32.16 -6.64
N THR B 365 -16.84 -31.34 -5.63
CA THR B 365 -18.21 -31.19 -5.07
C THR B 365 -19.12 -30.47 -6.01
N ILE B 366 -18.55 -29.70 -6.94
CA ILE B 366 -19.33 -29.08 -7.98
C ILE B 366 -19.34 -29.87 -9.30
N TRP B 367 -18.18 -30.30 -9.78
CA TRP B 367 -18.05 -30.81 -11.11
C TRP B 367 -18.00 -32.35 -11.21
N GLY B 368 -17.93 -33.02 -10.07
CA GLY B 368 -17.86 -34.51 -10.02
C GLY B 368 -16.43 -35.01 -10.10
N ASP B 369 -16.29 -36.27 -10.49
CA ASP B 369 -15.10 -37.08 -10.26
C ASP B 369 -14.17 -37.17 -11.49
N ASP B 370 -14.41 -36.39 -12.53
CA ASP B 370 -13.60 -36.46 -13.74
C ASP B 370 -13.20 -35.08 -14.21
N VAL B 371 -12.65 -34.27 -13.29
CA VAL B 371 -12.44 -32.87 -13.53
C VAL B 371 -11.40 -32.61 -14.59
N GLU B 372 -10.54 -33.56 -14.91
CA GLU B 372 -9.45 -33.31 -15.89
C GLU B 372 -9.84 -33.57 -17.28
N GLU B 373 -10.97 -34.20 -17.50
CA GLU B 373 -11.39 -34.41 -18.86
C GLU B 373 -11.99 -33.16 -19.49
N PHE B 374 -11.87 -33.12 -20.81
CA PHE B 374 -12.45 -32.05 -21.63
C PHE B 374 -13.83 -32.45 -22.15
N ARG B 375 -14.86 -31.90 -21.52
CA ARG B 375 -16.21 -32.25 -21.80
C ARG B 375 -17.12 -30.96 -21.88
N PRO B 376 -17.19 -30.36 -23.05
CA PRO B 376 -17.96 -29.13 -23.21
C PRO B 376 -19.40 -29.28 -22.81
N GLU B 377 -19.94 -30.52 -22.88
CA GLU B 377 -21.30 -30.78 -22.47
C GLU B 377 -21.62 -30.43 -21.03
N ARG B 378 -20.61 -30.30 -20.16
CA ARG B 378 -20.82 -29.77 -18.83
C ARG B 378 -21.62 -28.42 -18.89
N PHE B 379 -21.48 -27.70 -19.99
CA PHE B 379 -22.08 -26.33 -20.12
C PHE B 379 -23.34 -26.40 -20.97
N GLU B 380 -23.83 -27.60 -21.23
CA GLU B 380 -25.03 -27.68 -22.03
C GLU B 380 -26.16 -26.77 -21.51
N ASN B 381 -26.33 -26.75 -20.22
CA ASN B 381 -27.24 -25.82 -19.51
C ASN B 381 -26.58 -24.89 -18.54
N PRO B 382 -26.29 -23.66 -18.96
CA PRO B 382 -25.72 -22.65 -18.09
C PRO B 382 -26.35 -22.62 -16.72
N SER B 383 -27.66 -22.74 -16.66
CA SER B 383 -28.35 -22.54 -15.38
C SER B 383 -28.03 -23.68 -14.42
N ALA B 384 -27.51 -24.79 -14.93
CA ALA B 384 -27.12 -25.92 -14.07
C ALA B 384 -25.75 -25.74 -13.40
N ILE B 385 -25.14 -24.57 -13.55
CA ILE B 385 -23.86 -24.34 -12.93
C ILE B 385 -24.02 -23.42 -11.78
N PRO B 386 -23.71 -23.88 -10.56
CA PRO B 386 -23.99 -23.00 -9.44
C PRO B 386 -23.29 -21.64 -9.56
N GLN B 387 -23.87 -20.62 -8.94
CA GLN B 387 -23.24 -19.35 -8.95
C GLN B 387 -21.91 -19.47 -8.19
N HIS B 388 -20.90 -18.72 -8.66
CA HIS B 388 -19.58 -18.69 -8.06
C HIS B 388 -18.72 -19.97 -8.25
N ALA B 389 -19.22 -20.91 -9.04
CA ALA B 389 -18.42 -22.12 -9.37
C ALA B 389 -17.47 -21.94 -10.54
N PHE B 390 -17.81 -21.04 -11.46
CA PHE B 390 -17.05 -20.82 -12.71
C PHE B 390 -16.77 -19.35 -12.81
N LYS B 391 -15.53 -18.96 -12.59
CA LYS B 391 -15.19 -17.51 -12.48
C LYS B 391 -13.92 -17.08 -13.32
N PRO B 392 -13.86 -17.46 -14.57
CA PRO B 392 -12.67 -17.16 -15.36
C PRO B 392 -12.61 -15.65 -15.64
N PHE B 393 -13.70 -14.92 -15.39
CA PHE B 393 -13.73 -13.45 -15.58
C PHE B 393 -13.74 -12.59 -14.33
N GLY B 394 -13.41 -13.18 -13.19
CA GLY B 394 -13.33 -12.50 -11.95
C GLY B 394 -14.71 -12.33 -11.28
N ASN B 395 -14.87 -11.28 -10.52
CA ASN B 395 -16.03 -11.15 -9.65
C ASN B 395 -16.54 -9.73 -9.50
N GLY B 396 -17.87 -9.62 -9.45
CA GLY B 396 -18.51 -8.40 -8.94
C GLY B 396 -18.22 -7.18 -9.76
N GLN B 397 -18.07 -6.03 -9.11
CA GLN B 397 -17.92 -4.80 -9.91
C GLN B 397 -16.53 -4.71 -10.56
N ARG B 398 -15.59 -5.56 -10.12
CA ARG B 398 -14.29 -5.71 -10.71
C ARG B 398 -14.14 -6.93 -11.59
N ALA B 399 -15.25 -7.44 -12.14
CA ALA B 399 -15.18 -8.51 -13.11
C ALA B 399 -14.68 -7.93 -14.46
N CYS B 400 -14.32 -8.81 -15.38
CA CYS B 400 -13.77 -8.40 -16.67
C CYS B 400 -14.76 -7.57 -17.48
N ILE B 401 -14.40 -6.33 -17.79
CA ILE B 401 -15.28 -5.50 -18.58
C ILE B 401 -15.29 -6.01 -20.04
N GLY B 402 -14.22 -6.74 -20.45
CA GLY B 402 -14.14 -7.23 -21.82
C GLY B 402 -14.66 -8.62 -22.06
N GLN B 403 -15.44 -9.16 -21.14
CA GLN B 403 -15.86 -10.55 -21.22
C GLN B 403 -16.59 -10.87 -22.55
N GLN B 404 -17.60 -10.08 -22.90
CA GLN B 404 -18.39 -10.33 -24.12
C GLN B 404 -17.64 -10.09 -25.39
N PHE B 405 -16.76 -9.09 -25.38
CA PHE B 405 -15.87 -8.89 -26.49
C PHE B 405 -14.99 -10.17 -26.79
N ALA B 406 -14.27 -10.63 -25.74
CA ALA B 406 -13.36 -11.82 -25.80
C ALA B 406 -14.15 -13.04 -26.36
N LEU B 407 -15.37 -13.26 -25.85
CA LEU B 407 -16.15 -14.45 -26.20
C LEU B 407 -16.74 -14.39 -27.58
N HIS B 408 -17.19 -13.19 -27.98
CA HIS B 408 -17.63 -13.02 -29.31
C HIS B 408 -16.46 -13.20 -30.35
N GLU B 409 -15.34 -12.59 -30.10
CA GLU B 409 -14.25 -12.72 -30.97
C GLU B 409 -13.82 -14.22 -31.05
N ALA B 410 -13.71 -14.87 -29.90
CA ALA B 410 -13.14 -16.22 -29.87
C ALA B 410 -14.11 -17.19 -30.57
N THR B 411 -15.39 -16.98 -30.38
CA THR B 411 -16.44 -17.82 -31.00
C THR B 411 -16.51 -17.63 -32.51
N LEU B 412 -16.44 -16.38 -32.94
CA LEU B 412 -16.29 -16.08 -34.37
C LEU B 412 -15.09 -16.77 -35.03
N VAL B 413 -13.94 -16.59 -34.43
CA VAL B 413 -12.70 -17.10 -35.03
C VAL B 413 -12.67 -18.64 -35.04
N LEU B 414 -12.97 -19.23 -33.89
CA LEU B 414 -12.89 -20.71 -33.78
C LEU B 414 -13.93 -21.31 -34.74
N GLY B 415 -15.10 -20.67 -34.85
CA GLY B 415 -16.05 -21.12 -35.85
C GLY B 415 -15.59 -21.12 -37.25
N MET B 416 -14.94 -20.03 -37.64
CA MET B 416 -14.35 -19.95 -38.95
C MET B 416 -13.28 -21.02 -39.17
N MET B 417 -12.43 -21.19 -38.17
CA MET B 417 -11.31 -22.14 -38.26
C MET B 417 -11.86 -23.54 -38.54
N LEU B 418 -12.92 -23.89 -37.81
CA LEU B 418 -13.55 -25.21 -37.91
C LEU B 418 -14.31 -25.43 -39.19
N LYS B 419 -14.87 -24.36 -39.74
CA LYS B 419 -15.55 -24.46 -41.07
C LYS B 419 -14.55 -24.67 -42.18
N HIS B 420 -13.36 -24.04 -42.11
CA HIS B 420 -12.51 -23.95 -43.26
C HIS B 420 -11.38 -24.97 -43.34
N PHE B 421 -11.03 -25.60 -42.23
CA PHE B 421 -9.89 -26.55 -42.17
C PHE B 421 -10.19 -27.80 -41.36
N ASP B 422 -9.43 -28.85 -41.64
CA ASP B 422 -9.22 -30.03 -40.78
C ASP B 422 -7.86 -29.87 -40.16
N PHE B 423 -7.72 -30.22 -38.89
CA PHE B 423 -6.51 -30.01 -38.19
C PHE B 423 -5.84 -31.30 -37.83
N GLU B 424 -4.51 -31.30 -37.86
CA GLU B 424 -3.71 -32.45 -37.44
C GLU B 424 -2.73 -32.04 -36.33
N ASP B 425 -2.74 -32.79 -35.23
CA ASP B 425 -1.73 -32.68 -34.20
C ASP B 425 -0.52 -33.46 -34.67
N HIS B 426 0.19 -32.90 -35.62
CA HIS B 426 1.23 -33.67 -36.33
C HIS B 426 2.45 -34.02 -35.50
N THR B 427 2.71 -33.28 -34.41
CA THR B 427 3.86 -33.58 -33.56
C THR B 427 3.47 -34.35 -32.30
N ASN B 428 2.21 -34.72 -32.13
CA ASN B 428 1.69 -35.22 -30.87
C ASN B 428 2.14 -34.35 -29.69
N TYR B 429 1.76 -33.08 -29.78
CA TYR B 429 2.26 -32.04 -28.90
C TYR B 429 1.97 -32.34 -27.45
N GLU B 430 3.01 -32.17 -26.63
CA GLU B 430 2.93 -32.36 -25.19
C GLU B 430 2.72 -31.00 -24.50
N LEU B 431 1.59 -30.86 -23.86
CA LEU B 431 1.22 -29.56 -23.24
C LEU B 431 2.29 -29.00 -22.34
N ASP B 432 2.73 -27.82 -22.63
CA ASP B 432 3.71 -27.05 -21.78
C ASP B 432 3.11 -25.67 -21.59
N ILE B 433 2.69 -25.36 -20.35
CA ILE B 433 1.98 -24.10 -20.07
C ILE B 433 2.90 -23.07 -19.55
N LYS B 434 3.13 -22.03 -20.32
CA LYS B 434 4.02 -20.95 -19.97
C LYS B 434 3.19 -19.93 -19.23
N GLU B 435 3.71 -19.41 -18.12
CA GLU B 435 3.03 -18.42 -17.30
C GLU B 435 3.75 -17.07 -17.41
N THR B 436 3.08 -16.07 -17.94
CA THR B 436 3.65 -14.73 -17.93
C THR B 436 2.65 -13.89 -17.14
N LEU B 437 2.06 -12.89 -17.77
CA LEU B 437 0.85 -12.31 -17.18
C LEU B 437 -0.33 -13.26 -17.36
N THR B 438 -0.26 -14.07 -18.42
CA THR B 438 -1.32 -14.99 -18.68
C THR B 438 -0.80 -16.40 -18.89
N LEU B 439 -1.69 -17.34 -19.18
CA LEU B 439 -1.30 -18.72 -19.52
C LEU B 439 -1.44 -19.00 -21.02
N LYS B 440 -0.53 -19.83 -21.58
CA LYS B 440 -0.59 -20.22 -22.99
C LYS B 440 0.08 -21.52 -23.19
N PRO B 441 -0.36 -22.30 -24.18
CA PRO B 441 0.30 -23.57 -24.51
C PRO B 441 1.49 -23.39 -25.41
N GLU B 442 2.66 -23.23 -24.77
CA GLU B 442 3.91 -22.84 -25.43
C GLU B 442 4.36 -23.93 -26.43
N GLY B 443 4.63 -23.50 -27.67
CA GLY B 443 5.16 -24.32 -28.75
C GLY B 443 4.09 -25.14 -29.34
N PHE B 444 2.83 -24.86 -29.03
CA PHE B 444 1.75 -25.63 -29.67
C PHE B 444 1.71 -25.33 -31.17
N VAL B 445 1.74 -26.40 -31.98
CA VAL B 445 1.82 -26.38 -33.42
C VAL B 445 0.85 -27.42 -33.95
N VAL B 446 0.25 -27.13 -35.10
CA VAL B 446 -0.63 -28.04 -35.86
C VAL B 446 -0.43 -27.85 -37.37
N LYS B 447 -0.98 -28.77 -38.16
CA LYS B 447 -1.13 -28.61 -39.56
C LYS B 447 -2.62 -28.49 -39.87
N ALA B 448 -2.94 -27.64 -40.82
CA ALA B 448 -4.34 -27.40 -41.21
C ALA B 448 -4.50 -27.70 -42.67
N LYS B 449 -5.38 -28.60 -42.99
CA LYS B 449 -5.64 -28.92 -44.37
C LYS B 449 -6.95 -28.26 -44.80
N SER B 450 -6.87 -27.42 -45.81
CA SER B 450 -8.02 -26.61 -46.24
C SER B 450 -9.11 -27.51 -46.74
N LYS B 451 -10.36 -27.22 -46.37
CA LYS B 451 -11.49 -27.89 -46.95
C LYS B 451 -11.90 -27.15 -48.22
N LYS B 452 -11.16 -26.08 -48.59
CA LYS B 452 -11.35 -25.35 -49.87
C LYS B 452 -12.73 -24.74 -50.03
N ILE B 453 -13.16 -24.02 -49.01
CA ILE B 453 -14.47 -23.35 -49.00
C ILE B 453 -14.24 -21.85 -49.15
N PRO B 454 -14.86 -21.24 -50.17
CA PRO B 454 -14.55 -19.83 -50.46
C PRO B 454 -14.95 -18.92 -49.33
N LEU B 455 -14.18 -17.83 -49.19
CA LEU B 455 -14.46 -16.71 -48.25
C LEU B 455 -15.11 -15.57 -49.01
N GLY B 456 -15.78 -14.66 -48.31
CA GLY B 456 -16.33 -13.44 -48.94
C GLY B 456 -15.50 -12.22 -48.55
O TPF C . 3.36 17.46 18.36
C1 TPF C . 2.75 16.80 19.45
C2 TPF C . 2.94 15.31 19.37
C5 TPF C . 3.42 17.27 20.74
C8 TPF C . 1.28 17.05 19.34
N1 TPF C . 2.17 14.63 20.44
C3 TPF C . 0.87 14.19 20.46
N3 TPF C . 2.76 14.32 21.67
N2 TPF C . 0.61 13.60 21.66
C4 TPF C . 1.78 13.65 22.42
N4 TPF C . 4.90 17.14 20.67
C6 TPF C . 5.86 17.92 20.19
N6 TPF C . 5.38 16.03 21.23
N5 TPF C . 7.04 17.37 20.46
C7 TPF C . 6.70 16.24 21.13
C9 TPF C . 0.59 17.04 18.11
C13 TPF C . 0.49 17.29 20.56
C10 TPF C . -0.80 17.25 18.05
C11 TPF C . -1.51 17.49 19.23
F1 TPF C . -2.85 17.72 19.29
C12 TPF C . -0.89 17.50 20.46
F2 TPF C . 0.98 17.32 21.81
CHA HEM D . 7.44 20.83 18.49
CHB HEM D . 8.62 16.31 17.23
CHC HEM D . 10.62 15.46 21.59
CHD HEM D . 8.73 19.74 23.03
C1A HEM D . 7.70 19.72 17.77
C2A HEM D . 7.26 19.53 16.41
C3A HEM D . 7.57 18.25 16.07
C4A HEM D . 8.19 17.63 17.20
CMA HEM D . 7.35 17.60 14.74
CAA HEM D . 6.60 20.58 15.53
CBA HEM D . 5.12 20.52 15.78
CGA HEM D . 4.32 21.34 14.80
O1A HEM D . 4.84 21.84 13.79
O2A HEM D . 3.04 21.46 15.03
C1B HEM D . 9.23 15.66 18.35
C2B HEM D . 9.86 14.35 18.26
C3B HEM D . 10.40 14.10 19.46
C4B HEM D . 10.21 15.34 20.28
CMB HEM D . 9.80 13.35 17.11
CAB HEM D . 11.16 12.97 19.97
CBB HEM D . 11.77 12.06 19.27
C1C HEM D . 10.30 16.59 22.39
C2C HEM D . 10.72 16.82 23.66
C3C HEM D . 10.18 18.00 24.09
C4C HEM D . 9.43 18.54 23.03
CMC HEM D . 11.59 15.91 24.46
CAC HEM D . 10.36 18.66 25.37
CBC HEM D . 11.26 18.45 26.32
C1D HEM D . 8.22 20.31 21.86
C2D HEM D . 7.68 21.66 21.94
C3D HEM D . 7.30 21.97 20.72
C4D HEM D . 7.70 20.84 19.87
CMD HEM D . 7.50 22.51 23.16
CAD HEM D . 6.70 23.27 20.29
CBD HEM D . 7.78 24.22 19.80
CGD HEM D . 7.28 25.60 19.43
O1D HEM D . 7.61 26.61 20.12
O2D HEM D . 6.53 25.72 18.40
NA HEM D . 8.26 18.51 18.27
NB HEM D . 9.50 16.20 19.56
NC HEM D . 9.49 17.64 21.98
ND HEM D . 8.27 19.87 20.60
FE HEM D . 8.88 18.11 20.09
P PO4 E . 15.18 24.28 9.61
O1 PO4 E . 15.88 23.57 8.44
O2 PO4 E . 14.95 25.76 9.18
O3 PO4 E . 13.87 23.58 9.95
O4 PO4 E . 16.04 24.22 10.86
P PO4 F . 14.73 27.01 42.13
O1 PO4 F . 15.97 26.63 41.32
O2 PO4 F . 14.87 28.42 42.66
O3 PO4 F . 13.49 26.96 41.27
O4 PO4 F . 14.66 26.09 43.35
P PO4 G . 31.14 -1.21 8.57
O1 PO4 G . 30.41 -0.77 7.32
O2 PO4 G . 31.09 -0.02 9.49
O3 PO4 G . 32.60 -1.43 8.32
O4 PO4 G . 30.59 -2.55 9.10
P PO4 H . 6.73 -10.18 32.68
O1 PO4 H . 6.20 -9.00 31.84
O2 PO4 H . 7.81 -9.70 33.62
O3 PO4 H . 7.28 -11.34 31.84
O4 PO4 H . 5.55 -10.67 33.51
C1 EDO I . -6.52 -1.37 11.68
O1 EDO I . -6.47 -1.41 13.12
C2 EDO I . -7.40 -0.20 11.21
O2 EDO I . -6.78 0.69 10.25
C1 EDO J . -2.13 33.62 12.62
O1 EDO J . -3.39 34.25 12.78
C2 EDO J . -1.14 34.27 13.58
O2 EDO J . 0.12 33.57 13.59
C1 EDO K . 17.89 -10.53 33.21
O1 EDO K . 17.35 -10.38 34.52
C2 EDO K . 18.57 -11.84 33.41
O2 EDO K . 19.36 -12.01 32.26
C1 EDO L . 24.17 13.09 22.44
O1 EDO L . 23.65 14.40 22.84
C2 EDO L . 24.33 12.82 20.96
O2 EDO L . 23.36 11.86 20.52
O TPF M . -5.31 -9.15 -15.18
O TPF M . -5.15 -9.00 -15.23
C1 TPF M . -4.36 -9.68 -16.10
C1 TPF M . -4.20 -9.49 -16.17
C2 TPF M . -3.29 -10.53 -15.38
C2 TPF M . -3.08 -10.35 -15.55
C5 TPF M . -5.11 -10.50 -17.13
C5 TPF M . -5.01 -10.29 -17.18
C8 TPF M . -3.75 -8.56 -16.86
C8 TPF M . -3.65 -8.37 -16.97
N1 TPF M . -3.84 -11.59 -14.49
N1 TPF M . -2.26 -9.79 -14.46
C3 TPF M . -4.97 -11.68 -13.76
C3 TPF M . -2.22 -10.03 -13.16
N3 TPF M . -3.05 -12.74 -14.32
N3 TPF M . -1.26 -8.86 -14.81
N2 TPF M . -4.91 -12.89 -13.15
N2 TPF M . -1.23 -9.24 -12.67
C4 TPF M . -3.76 -13.52 -13.46
C4 TPF M . -0.65 -8.52 -13.66
N4 TPF M . -6.32 -9.91 -17.77
N4 TPF M . -6.27 -9.74 -17.79
C6 TPF M . -7.57 -9.66 -17.36
C6 TPF M . -7.49 -9.41 -17.36
N6 TPF M . -6.21 -9.56 -19.09
N6 TPF M . -6.23 -9.58 -19.14
N5 TPF M . -8.28 -9.17 -18.41
N5 TPF M . -8.24 -9.06 -18.43
C7 TPF M . -7.44 -9.14 -19.45
C7 TPF M . -7.47 -9.18 -19.51
C9 TPF M . -3.87 -7.28 -16.39
C9 TPF M . -3.82 -7.09 -16.51
C13 TPF M . -3.05 -8.77 -18.14
C13 TPF M . -2.96 -8.58 -18.26
C10 TPF M . -3.35 -6.21 -17.09
C10 TPF M . -3.36 -6.00 -17.23
C11 TPF M . -2.69 -6.40 -18.30
C11 TPF M . -2.71 -6.18 -18.44
F1 TPF M . -2.22 -5.31 -18.95
F1 TPF M . -2.30 -5.07 -19.10
C12 TPF M . -2.53 -7.67 -18.82
C12 TPF M . -2.50 -7.47 -18.95
F2 TPF M . -2.92 -9.99 -18.64
F2 TPF M . -2.78 -9.80 -18.75
CHA HEM N . -10.56 -7.78 -15.57
CHB HEM N . -10.19 -12.27 -17.34
CHC HEM N . -10.45 -10.58 -21.88
CHD HEM N . -10.17 -6.05 -20.08
C1A HEM N . -10.50 -9.16 -15.68
C2A HEM N . -10.36 -10.02 -14.57
C3A HEM N . -10.24 -11.28 -15.05
C4A HEM N . -10.29 -11.19 -16.46
CMA HEM N . -10.08 -12.49 -14.14
CAA HEM N . -10.34 -9.63 -13.10
CBA HEM N . -8.91 -9.37 -12.56
CGA HEM N . -8.81 -8.99 -11.07
O1A HEM N . -9.73 -9.15 -10.20
O2A HEM N . -7.69 -8.47 -10.68
C1B HEM N . -10.19 -12.20 -18.73
C2B HEM N . -10.19 -13.36 -19.59
C3B HEM N . -10.29 -12.90 -20.87
C4B HEM N . -10.39 -11.41 -20.76
CMB HEM N . -10.01 -14.80 -19.17
CAB HEM N . -10.37 -13.59 -22.15
CBB HEM N . -10.75 -14.88 -22.26
C1C HEM N . -10.40 -9.22 -21.78
C2C HEM N . -10.60 -8.34 -22.84
C3C HEM N . -10.50 -7.05 -22.33
C4C HEM N . -10.27 -7.14 -20.94
CMC HEM N . -10.87 -8.69 -24.28
CAC HEM N . -10.69 -5.81 -23.09
CBC HEM N . -11.36 -5.60 -24.18
C1D HEM N . -10.27 -6.21 -18.71
C2D HEM N . -10.27 -4.96 -17.84
C3D HEM N . -10.41 -5.44 -16.57
C4D HEM N . -10.47 -6.96 -16.69
CMD HEM N . -10.11 -3.53 -18.33
CAD HEM N . -10.48 -4.71 -15.26
CBD HEM N . -12.00 -4.45 -15.05
CGD HEM N . -12.24 -3.50 -13.87
O1D HEM N . -11.71 -3.79 -12.80
O2D HEM N . -12.97 -2.47 -13.98
NA HEM N . -10.46 -9.88 -16.89
NB HEM N . -10.37 -11.15 -19.48
NC HEM N . -10.25 -8.51 -20.56
ND HEM N . -10.37 -7.32 -17.97
FE HEM N . -10.39 -9.20 -18.70
P PO4 O . 6.04 -22.59 -40.94
O1 PO4 O . 7.38 -22.13 -41.51
O2 PO4 O . 4.94 -21.88 -41.67
O3 PO4 O . 5.85 -24.06 -41.09
O4 PO4 O . 6.05 -22.24 -39.42
C1 EDO P . -21.52 -29.43 -13.13
O1 EDO P . -21.73 -28.18 -12.45
C2 EDO P . -21.56 -29.17 -14.63
O2 EDO P . -22.91 -29.28 -15.02
C1 EDO Q . -21.44 -2.35 -5.76
O1 EDO Q . -22.01 -1.10 -6.13
C2 EDO Q . -21.56 -2.48 -4.25
O2 EDO Q . -20.85 -3.66 -3.90
C1 EDO R . 6.17 -16.61 -14.52
O1 EDO R . 7.24 -17.35 -13.97
C2 EDO R . 5.52 -15.69 -13.49
O2 EDO R . 4.11 -15.58 -13.76
C1 EDO S . -20.54 -17.81 -24.21
O1 EDO S . -20.85 -18.31 -22.86
C2 EDO S . -19.37 -18.48 -24.98
O2 EDO S . -18.29 -19.25 -24.27
C1 EDO T . -2.57 -25.21 -46.96
O1 EDO T . -1.94 -26.46 -46.66
C2 EDO T . -4.03 -25.43 -46.96
O2 EDO T . -4.22 -26.84 -46.98
#